data_7LVX
#
_entry.id   7LVX
#
_cell.length_a   182.103
_cell.length_b   59.088
_cell.length_c   67.160
_cell.angle_alpha   90.000
_cell.angle_beta   94.470
_cell.angle_gamma   90.000
#
_symmetry.space_group_name_H-M   'C 1 2 1'
#
loop_
_entity.id
_entity.type
_entity.pdbx_description
1 polymer 'Tryptophan synthase alpha chain'
2 polymer 'Tryptophan synthase beta chain'
3 non-polymer '2-({[4-(TRIFLUOROMETHOXY)PHENYL]SULFONYL}AMINO)ETHYL DIHYDROGEN PHOSPHATE'
4 non-polymer 1,2-ETHANEDIOL
5 non-polymer 'CHLORIDE ION'
6 non-polymer 'CESIUM ION'
7 non-polymer "PYRIDOXAL-5'-PHOSPHATE"
8 non-polymer 'DIMETHYL SULFOXIDE'
9 water water
#
loop_
_entity_poly.entity_id
_entity_poly.type
_entity_poly.pdbx_seq_one_letter_code
_entity_poly.pdbx_strand_id
1 'polypeptide(L)'
;MERYENLFAQLNDRREGAFVPFVTLGDPGIEQSLKIIDTLIDAGADALELGVPFSDPLADGPTIQNANLRAFAAGVTPAQ
CFEMLALIREKHPTIPIGLLMYANLVFNNGIDAFYARCEQVGVDSVLVADVPVEESAPFRQAALRHNIAPIFICPPNADD
DLLRQVASYGRGYTYLLSRSGVTGAENRGALPLHHLIEKLKEYHAAPALQGFGISSPEQVSAAVRAGAAGAISGSAIVKI
IEKNLASPKQMLAELRSFVSAMKAASRA
;
A
2 'polypeptide(L)'
;MTTLLNPYFGEFGGMYVPQILMPALNQLEEAFVSAQKDPEFQAQFADLLKNYAGRPTALTKCQNITAGTRTTLYLKREDL
LHGGAHKTNQVLGQALLAKRMGKSEIIAETGAGQHGVASALASALLGLKCRIYMGAKDVERQSPNVFRMRLMGAEVIPVH
SGSATLKDACNEALRDWSGSYETAHYMLGTAAGPHPYPTIVREFQRMIGEETKAQILDKEGRLPDAVIACVGGGSNAIGM
FADFINDTSVGLIGVEPGGHGIETGEHGAPLKHGRVGIYFGMKAPMMQTADGQIEESYSISAGLDFPSVGPQHAYLNSIG
RADYVSITDDEALEAFKTLCRHEGIIPALESSHALAHALKMMREQPEKEQLLVVNLSGRGDKDIFTVHDILKARGEI
;
B
#
loop_
_chem_comp.id
_chem_comp.type
_chem_comp.name
_chem_comp.formula
CL non-polymer 'CHLORIDE ION' 'Cl -1'
CS non-polymer 'CESIUM ION' 'Cs 1'
DMS non-polymer 'DIMETHYL SULFOXIDE' 'C2 H6 O S'
EDO non-polymer 1,2-ETHANEDIOL 'C2 H6 O2'
F9F non-polymer '2-({[4-(TRIFLUOROMETHOXY)PHENYL]SULFONYL}AMINO)ETHYL DIHYDROGEN PHOSPHATE' 'C9 H11 F3 N O7 P S'
PLP non-polymer PYRIDOXAL-5'-PHOSPHATE 'C8 H10 N O6 P'
#
# COMPACT_ATOMS: atom_id res chain seq x y z
N MET A 1 -22.24 -24.44 -9.23
CA MET A 1 -21.62 -25.67 -9.80
C MET A 1 -20.68 -26.27 -8.75
N GLU A 2 -20.11 -27.44 -9.05
CA GLU A 2 -19.18 -28.17 -8.19
C GLU A 2 -17.93 -28.56 -8.99
N ARG A 3 -17.31 -27.62 -9.72
CA ARG A 3 -16.28 -28.03 -10.67
C ARG A 3 -15.02 -28.56 -9.98
N TYR A 4 -14.60 -27.92 -8.88
CA TYR A 4 -13.42 -28.42 -8.18
C TYR A 4 -13.74 -29.74 -7.51
N GLU A 5 -14.93 -29.86 -6.92
CA GLU A 5 -15.28 -31.09 -6.22
C GLU A 5 -15.24 -32.26 -7.21
N ASN A 6 -15.83 -32.04 -8.39
CA ASN A 6 -15.87 -33.07 -9.42
C ASN A 6 -14.46 -33.41 -9.89
N LEU A 7 -13.63 -32.37 -10.12
CA LEU A 7 -12.25 -32.60 -10.57
C LEU A 7 -11.49 -33.44 -9.56
N PHE A 8 -11.51 -33.06 -8.27
CA PHE A 8 -10.70 -33.77 -7.29
C PHE A 8 -11.20 -35.20 -7.11
N ALA A 9 -12.52 -35.42 -7.25
CA ALA A 9 -13.04 -36.77 -7.10
C ALA A 9 -12.55 -37.64 -8.25
N GLN A 10 -12.53 -37.07 -9.46
CA GLN A 10 -12.08 -37.79 -10.65
C GLN A 10 -10.58 -38.09 -10.57
N LEU A 11 -9.80 -37.10 -10.13
CA LEU A 11 -8.37 -37.27 -9.95
C LEU A 11 -8.08 -38.33 -8.89
N ASN A 12 -8.85 -38.33 -7.81
CA ASN A 12 -8.67 -39.30 -6.74
C ASN A 12 -8.87 -40.72 -7.25
N ASP A 13 -9.88 -40.88 -8.13
N ASP A 13 -9.90 -40.90 -8.11
CA ASP A 13 -10.22 -42.16 -8.74
CA ASP A 13 -10.19 -42.19 -8.71
C ASP A 13 -9.06 -42.67 -9.59
C ASP A 13 -8.99 -42.69 -9.50
N ARG A 14 -8.17 -41.75 -9.98
CA ARG A 14 -7.01 -42.09 -10.80
C ARG A 14 -5.72 -41.99 -9.99
N ARG A 15 -5.82 -41.77 -8.66
CA ARG A 15 -4.67 -41.60 -7.78
C ARG A 15 -3.73 -40.59 -8.42
N GLU A 16 -4.31 -39.47 -8.86
CA GLU A 16 -3.65 -38.50 -9.71
C GLU A 16 -3.65 -37.13 -9.02
N GLY A 17 -2.56 -36.37 -9.17
CA GLY A 17 -2.53 -34.98 -8.74
C GLY A 17 -3.05 -34.02 -9.82
N ALA A 18 -3.46 -32.83 -9.36
CA ALA A 18 -3.85 -31.75 -10.26
C ALA A 18 -2.63 -30.90 -10.63
N PHE A 19 -2.49 -30.57 -11.92
CA PHE A 19 -1.54 -29.53 -12.32
C PHE A 19 -2.31 -28.30 -12.79
N VAL A 20 -1.98 -27.14 -12.20
CA VAL A 20 -2.75 -25.93 -12.40
C VAL A 20 -1.83 -24.77 -12.77
N PRO A 21 -1.75 -24.37 -14.04
CA PRO A 21 -0.97 -23.20 -14.40
C PRO A 21 -1.66 -21.89 -14.08
N PHE A 22 -0.87 -20.84 -13.83
CA PHE A 22 -1.34 -19.46 -13.75
C PHE A 22 -0.83 -18.69 -14.98
N VAL A 23 -1.73 -17.87 -15.55
CA VAL A 23 -1.30 -16.82 -16.47
C VAL A 23 -2.10 -15.56 -16.18
N THR A 24 -1.58 -14.42 -16.66
CA THR A 24 -2.29 -13.15 -16.64
C THR A 24 -3.19 -13.07 -17.87
N LEU A 25 -4.48 -12.79 -17.63
CA LEU A 25 -5.41 -12.58 -18.75
C LEU A 25 -4.97 -11.41 -19.59
N GLY A 26 -4.87 -11.69 -20.90
CA GLY A 26 -4.57 -10.62 -21.85
C GLY A 26 -3.08 -10.37 -22.04
N ASP A 27 -2.23 -11.21 -21.43
CA ASP A 27 -0.80 -11.16 -21.66
C ASP A 27 -0.46 -12.17 -22.74
N PRO A 28 0.12 -11.81 -23.92
CA PRO A 28 0.54 -10.44 -24.25
C PRO A 28 -0.47 -9.61 -25.03
N GLY A 29 -1.60 -10.23 -25.37
CA GLY A 29 -2.77 -9.53 -25.84
C GLY A 29 -3.97 -10.45 -25.72
N ILE A 30 -5.17 -9.96 -26.02
N ILE A 30 -5.16 -9.96 -26.05
CA ILE A 30 -6.36 -10.77 -25.79
CA ILE A 30 -6.41 -10.68 -25.83
C ILE A 30 -6.31 -12.04 -26.64
C ILE A 30 -6.42 -11.97 -26.66
N GLU A 31 -6.07 -11.87 -27.94
CA GLU A 31 -6.16 -13.02 -28.84
C GLU A 31 -5.09 -14.06 -28.50
N GLN A 32 -3.86 -13.63 -28.23
CA GLN A 32 -2.80 -14.59 -27.95
C GLN A 32 -3.04 -15.23 -26.59
N SER A 33 -3.56 -14.44 -25.65
CA SER A 33 -3.86 -15.02 -24.34
C SER A 33 -4.90 -16.13 -24.46
N LEU A 34 -5.95 -15.90 -25.27
CA LEU A 34 -6.95 -16.94 -25.47
C LEU A 34 -6.32 -18.20 -26.05
N LYS A 35 -5.40 -18.03 -27.02
CA LYS A 35 -4.73 -19.19 -27.58
C LYS A 35 -3.81 -19.86 -26.57
N ILE A 36 -3.09 -19.06 -25.76
CA ILE A 36 -2.26 -19.59 -24.69
C ILE A 36 -3.12 -20.48 -23.79
N ILE A 37 -4.29 -19.96 -23.38
CA ILE A 37 -5.10 -20.68 -22.41
C ILE A 37 -5.63 -21.98 -23.03
N ASP A 38 -6.01 -21.97 -24.33
CA ASP A 38 -6.47 -23.20 -24.94
C ASP A 38 -5.32 -24.22 -25.03
N THR A 39 -4.11 -23.73 -25.25
CA THR A 39 -2.93 -24.60 -25.28
C THR A 39 -2.69 -25.23 -23.91
N LEU A 40 -2.78 -24.42 -22.84
CA LEU A 40 -2.53 -24.97 -21.51
C LEU A 40 -3.50 -26.12 -21.27
N ILE A 41 -4.78 -25.91 -21.64
CA ILE A 41 -5.81 -26.92 -21.43
C ILE A 41 -5.51 -28.16 -22.29
N ASP A 42 -5.18 -27.95 -23.56
CA ASP A 42 -4.99 -29.10 -24.44
C ASP A 42 -3.79 -29.94 -24.00
N ALA A 43 -2.80 -29.26 -23.42
CA ALA A 43 -1.56 -29.92 -23.01
C ALA A 43 -1.70 -30.65 -21.67
N GLY A 44 -2.81 -30.43 -20.94
CA GLY A 44 -3.11 -31.26 -19.76
C GLY A 44 -3.42 -30.48 -18.49
N ALA A 45 -3.60 -29.16 -18.56
CA ALA A 45 -3.96 -28.44 -17.34
C ALA A 45 -5.26 -28.98 -16.73
N ASP A 46 -5.28 -29.20 -15.41
CA ASP A 46 -6.48 -29.72 -14.76
C ASP A 46 -7.41 -28.61 -14.34
N ALA A 47 -6.85 -27.42 -14.07
CA ALA A 47 -7.61 -26.23 -13.69
C ALA A 47 -6.74 -25.05 -14.09
N LEU A 48 -7.33 -23.85 -14.04
CA LEU A 48 -6.59 -22.64 -14.37
C LEU A 48 -6.66 -21.66 -13.21
N GLU A 49 -5.59 -20.88 -13.04
CA GLU A 49 -5.62 -19.70 -12.19
C GLU A 49 -5.31 -18.52 -13.10
N LEU A 50 -6.19 -17.53 -13.14
CA LEU A 50 -6.08 -16.46 -14.14
C LEU A 50 -6.08 -15.11 -13.45
N GLY A 51 -5.07 -14.31 -13.78
CA GLY A 51 -4.88 -13.01 -13.17
C GLY A 51 -5.58 -11.92 -13.97
N VAL A 52 -6.28 -11.01 -13.30
CA VAL A 52 -6.78 -9.82 -13.93
C VAL A 52 -5.72 -8.73 -13.78
N PRO A 53 -5.24 -8.09 -14.86
CA PRO A 53 -4.20 -7.07 -14.73
C PRO A 53 -4.60 -5.98 -13.75
N PHE A 54 -3.67 -5.75 -12.82
CA PHE A 54 -3.89 -4.76 -11.78
C PHE A 54 -2.64 -3.87 -11.68
N SER A 55 -2.89 -2.60 -11.42
CA SER A 55 -1.82 -1.61 -11.34
C SER A 55 -0.79 -1.93 -10.25
N ASP A 56 -1.20 -2.64 -9.18
CA ASP A 56 -0.40 -2.75 -7.97
C ASP A 56 -0.39 -4.18 -7.41
N PRO A 57 0.22 -5.14 -8.14
CA PRO A 57 0.20 -6.56 -7.74
C PRO A 57 1.25 -6.87 -6.69
N LEU A 58 0.93 -6.55 -5.42
CA LEU A 58 1.97 -6.53 -4.41
C LEU A 58 2.30 -7.92 -3.82
N ALA A 59 1.67 -8.99 -4.32
CA ALA A 59 2.11 -10.33 -3.92
C ALA A 59 2.89 -11.03 -5.04
N ASP A 60 3.23 -10.27 -6.11
CA ASP A 60 3.84 -10.86 -7.28
C ASP A 60 5.28 -10.37 -7.46
N GLY A 61 6.17 -11.32 -7.80
CA GLY A 61 7.54 -11.00 -8.14
C GLY A 61 7.63 -10.43 -9.58
N PRO A 62 8.85 -10.10 -10.04
CA PRO A 62 9.02 -9.38 -11.32
C PRO A 62 8.41 -10.09 -12.53
N THR A 63 8.46 -11.43 -12.53
CA THR A 63 7.96 -12.14 -13.70
C THR A 63 6.49 -11.77 -13.93
N ILE A 64 5.71 -11.83 -12.86
CA ILE A 64 4.29 -11.57 -13.02
C ILE A 64 3.98 -10.07 -12.99
N GLN A 65 4.80 -9.25 -12.30
CA GLN A 65 4.74 -7.80 -12.48
C GLN A 65 4.80 -7.45 -13.97
N ASN A 66 5.69 -8.11 -14.69
CA ASN A 66 5.92 -7.82 -16.11
C ASN A 66 4.75 -8.30 -16.98
N ALA A 67 4.13 -9.42 -16.61
CA ALA A 67 2.94 -9.91 -17.29
C ALA A 67 1.81 -8.90 -17.19
N ASN A 68 1.57 -8.37 -15.99
CA ASN A 68 0.57 -7.34 -15.81
C ASN A 68 0.88 -6.15 -16.72
N LEU A 69 2.16 -5.76 -16.77
CA LEU A 69 2.54 -4.61 -17.57
C LEU A 69 2.30 -4.88 -19.05
N ARG A 70 2.58 -6.11 -19.52
CA ARG A 70 2.38 -6.36 -20.94
C ARG A 70 0.89 -6.28 -21.28
N ALA A 71 0.03 -6.78 -20.40
CA ALA A 71 -1.39 -6.74 -20.65
C ALA A 71 -1.88 -5.28 -20.69
N PHE A 72 -1.40 -4.45 -19.75
CA PHE A 72 -1.72 -3.02 -19.77
C PHE A 72 -1.24 -2.35 -21.06
N ALA A 73 -0.07 -2.75 -21.58
CA ALA A 73 0.45 -2.18 -22.83
C ALA A 73 -0.49 -2.52 -23.98
N ALA A 74 -1.23 -3.64 -23.85
CA ALA A 74 -2.17 -4.06 -24.88
C ALA A 74 -3.57 -3.50 -24.63
N GLY A 75 -3.72 -2.73 -23.54
CA GLY A 75 -4.95 -2.00 -23.24
C GLY A 75 -5.98 -2.85 -22.50
N VAL A 76 -5.54 -3.94 -21.86
CA VAL A 76 -6.46 -4.90 -21.26
C VAL A 76 -7.11 -4.31 -20.01
N THR A 77 -8.44 -4.44 -19.91
CA THR A 77 -9.22 -3.92 -18.80
C THR A 77 -9.92 -5.07 -18.10
N PRO A 78 -10.39 -4.92 -16.85
CA PRO A 78 -11.18 -5.97 -16.22
C PRO A 78 -12.39 -6.37 -17.06
N ALA A 79 -13.05 -5.39 -17.70
CA ALA A 79 -14.22 -5.72 -18.51
C ALA A 79 -13.81 -6.68 -19.62
N GLN A 80 -12.68 -6.39 -20.26
CA GLN A 80 -12.27 -7.31 -21.34
C GLN A 80 -11.90 -8.67 -20.78
N CYS A 81 -11.38 -8.71 -19.54
CA CYS A 81 -11.05 -9.98 -18.93
C CYS A 81 -12.31 -10.82 -18.72
N PHE A 82 -13.41 -10.17 -18.29
CA PHE A 82 -14.65 -10.90 -18.06
C PHE A 82 -15.24 -11.42 -19.37
N GLU A 83 -15.04 -10.66 -20.46
CA GLU A 83 -15.40 -11.15 -21.77
C GLU A 83 -14.61 -12.41 -22.09
N MET A 84 -13.30 -12.38 -21.85
CA MET A 84 -12.44 -13.53 -22.05
C MET A 84 -12.95 -14.71 -21.25
N LEU A 85 -13.23 -14.47 -19.96
CA LEU A 85 -13.64 -15.59 -19.13
C LEU A 85 -14.91 -16.26 -19.63
N ALA A 86 -15.89 -15.46 -20.10
CA ALA A 86 -17.12 -16.02 -20.62
C ALA A 86 -16.80 -16.93 -21.80
N LEU A 87 -15.92 -16.46 -22.70
CA LEU A 87 -15.58 -17.25 -23.87
C LEU A 87 -14.82 -18.53 -23.52
N ILE A 88 -13.89 -18.46 -22.55
CA ILE A 88 -13.17 -19.63 -22.10
C ILE A 88 -14.16 -20.69 -21.59
N ARG A 89 -15.12 -20.24 -20.78
CA ARG A 89 -16.10 -21.17 -20.22
C ARG A 89 -17.00 -21.76 -21.30
N GLU A 90 -17.33 -20.96 -22.32
CA GLU A 90 -18.16 -21.45 -23.42
C GLU A 90 -17.43 -22.51 -24.26
N LYS A 91 -16.11 -22.56 -24.16
CA LYS A 91 -15.35 -23.56 -24.89
C LYS A 91 -15.10 -24.81 -24.08
N HIS A 92 -15.10 -24.64 -22.73
CA HIS A 92 -14.53 -25.67 -21.89
C HIS A 92 -15.44 -25.80 -20.68
N PRO A 93 -16.33 -26.81 -20.67
CA PRO A 93 -17.40 -26.85 -19.68
C PRO A 93 -17.02 -27.27 -18.26
N THR A 94 -15.96 -28.06 -18.08
CA THR A 94 -15.79 -28.66 -16.75
C THR A 94 -14.53 -28.16 -16.04
N ILE A 95 -13.59 -27.54 -16.77
CA ILE A 95 -12.32 -27.20 -16.13
C ILE A 95 -12.56 -26.12 -15.06
N PRO A 96 -12.08 -26.32 -13.82
CA PRO A 96 -12.22 -25.25 -12.82
C PRO A 96 -11.41 -24.03 -13.22
N ILE A 97 -12.04 -22.86 -13.11
CA ILE A 97 -11.40 -21.58 -13.41
C ILE A 97 -11.37 -20.76 -12.14
N GLY A 98 -10.15 -20.42 -11.70
CA GLY A 98 -10.00 -19.57 -10.52
C GLY A 98 -9.38 -18.24 -10.91
N LEU A 99 -9.83 -17.14 -10.28
CA LEU A 99 -9.24 -15.85 -10.52
C LEU A 99 -8.29 -15.50 -9.39
N LEU A 100 -7.20 -14.82 -9.75
CA LEU A 100 -6.29 -14.17 -8.83
C LEU A 100 -6.57 -12.68 -8.92
N MET A 101 -7.15 -12.13 -7.84
CA MET A 101 -7.59 -10.75 -7.84
C MET A 101 -6.81 -10.01 -6.76
N TYR A 102 -6.79 -8.69 -6.91
CA TYR A 102 -6.44 -7.81 -5.79
C TYR A 102 -7.72 -7.12 -5.31
N ALA A 103 -7.75 -6.76 -4.01
CA ALA A 103 -9.01 -6.34 -3.41
C ALA A 103 -9.69 -5.17 -4.10
N ASN A 104 -8.92 -4.19 -4.59
CA ASN A 104 -9.58 -3.01 -5.11
C ASN A 104 -10.44 -3.36 -6.34
N LEU A 105 -9.98 -4.34 -7.13
CA LEU A 105 -10.75 -4.69 -8.33
C LEU A 105 -12.07 -5.38 -7.97
N VAL A 106 -12.11 -6.03 -6.78
CA VAL A 106 -13.29 -6.74 -6.32
C VAL A 106 -14.25 -5.74 -5.65
N PHE A 107 -13.69 -4.81 -4.89
CA PHE A 107 -14.49 -3.86 -4.13
C PHE A 107 -15.02 -2.72 -5.02
N ASN A 108 -14.35 -2.48 -6.16
CA ASN A 108 -14.49 -1.26 -6.95
C ASN A 108 -15.95 -0.93 -7.23
N ASN A 109 -16.65 -1.88 -7.84
CA ASN A 109 -18.02 -1.59 -8.23
C ASN A 109 -18.98 -2.35 -7.32
N GLY A 110 -18.49 -2.71 -6.12
CA GLY A 110 -19.33 -3.46 -5.19
C GLY A 110 -18.95 -4.94 -5.17
N ILE A 111 -18.69 -5.44 -3.97
CA ILE A 111 -18.20 -6.80 -3.81
C ILE A 111 -19.26 -7.80 -4.29
N ASP A 112 -20.52 -7.62 -3.86
CA ASP A 112 -21.55 -8.54 -4.31
C ASP A 112 -21.61 -8.59 -5.84
N ALA A 113 -21.60 -7.43 -6.48
CA ALA A 113 -21.74 -7.38 -7.93
C ALA A 113 -20.56 -8.06 -8.61
N PHE A 114 -19.36 -7.99 -8.00
CA PHE A 114 -18.19 -8.63 -8.58
C PHE A 114 -18.41 -10.14 -8.63
N TYR A 115 -18.86 -10.70 -7.50
CA TYR A 115 -19.02 -12.14 -7.45
C TYR A 115 -20.21 -12.58 -8.31
N ALA A 116 -21.23 -11.73 -8.44
CA ALA A 116 -22.33 -12.04 -9.36
C ALA A 116 -21.82 -12.13 -10.80
N ARG A 117 -20.90 -11.26 -11.19
CA ARG A 117 -20.35 -11.28 -12.55
C ARG A 117 -19.53 -12.56 -12.74
N CYS A 118 -18.79 -12.96 -11.70
CA CYS A 118 -18.01 -14.20 -11.76
C CYS A 118 -18.94 -15.38 -12.00
N GLU A 119 -20.07 -15.42 -11.26
CA GLU A 119 -21.03 -16.50 -11.44
C GLU A 119 -21.59 -16.50 -12.86
N GLN A 120 -21.92 -15.31 -13.39
CA GLN A 120 -22.52 -15.16 -14.71
C GLN A 120 -21.60 -15.73 -15.80
N VAL A 121 -20.28 -15.52 -15.66
CA VAL A 121 -19.35 -15.93 -16.72
C VAL A 121 -18.87 -17.36 -16.51
N GLY A 122 -19.08 -17.92 -15.31
CA GLY A 122 -18.78 -19.32 -15.06
C GLY A 122 -17.44 -19.57 -14.37
N VAL A 123 -16.94 -18.55 -13.63
CA VAL A 123 -15.77 -18.67 -12.78
C VAL A 123 -16.11 -19.59 -11.60
N ASP A 124 -15.14 -20.35 -11.11
CA ASP A 124 -15.41 -21.28 -10.00
C ASP A 124 -14.84 -20.80 -8.66
N SER A 125 -13.74 -20.04 -8.67
CA SER A 125 -13.15 -19.58 -7.42
C SER A 125 -12.53 -18.20 -7.57
N VAL A 126 -12.32 -17.52 -6.44
CA VAL A 126 -11.64 -16.23 -6.41
C VAL A 126 -10.69 -16.26 -5.22
N LEU A 127 -9.42 -15.93 -5.48
CA LEU A 127 -8.39 -15.71 -4.47
C LEU A 127 -8.10 -14.22 -4.50
N VAL A 128 -8.35 -13.52 -3.40
CA VAL A 128 -8.00 -12.11 -3.31
C VAL A 128 -6.71 -11.97 -2.50
N ALA A 129 -5.63 -11.56 -3.16
CA ALA A 129 -4.28 -11.80 -2.64
C ALA A 129 -3.98 -10.94 -1.43
N ASP A 130 -4.63 -9.77 -1.33
CA ASP A 130 -4.38 -8.82 -0.26
C ASP A 130 -5.50 -8.78 0.75
N VAL A 131 -6.29 -9.85 0.80
CA VAL A 131 -7.33 -9.96 1.82
C VAL A 131 -6.99 -11.16 2.71
N PRO A 132 -6.50 -10.93 3.95
CA PRO A 132 -6.21 -12.03 4.85
C PRO A 132 -7.50 -12.50 5.51
N VAL A 133 -7.42 -13.64 6.21
CA VAL A 133 -8.62 -14.23 6.78
C VAL A 133 -9.35 -13.21 7.66
N GLU A 134 -8.58 -12.36 8.35
CA GLU A 134 -9.14 -11.36 9.26
C GLU A 134 -10.07 -10.37 8.56
N GLU A 135 -9.85 -10.15 7.24
CA GLU A 135 -10.64 -9.17 6.49
C GLU A 135 -11.61 -9.85 5.53
N SER A 136 -11.69 -11.19 5.61
CA SER A 136 -12.28 -11.94 4.50
C SER A 136 -13.82 -11.93 4.51
N ALA A 137 -14.46 -11.59 5.64
CA ALA A 137 -15.89 -11.91 5.75
C ALA A 137 -16.74 -11.45 4.56
N PRO A 138 -16.73 -10.17 4.13
CA PRO A 138 -17.63 -9.79 3.02
C PRO A 138 -17.29 -10.48 1.71
N PHE A 139 -16.01 -10.84 1.54
CA PHE A 139 -15.57 -11.49 0.30
C PHE A 139 -16.06 -12.94 0.27
N ARG A 140 -15.87 -13.66 1.38
CA ARG A 140 -16.22 -15.08 1.40
C ARG A 140 -17.74 -15.25 1.38
N GLN A 141 -18.46 -14.35 2.08
CA GLN A 141 -19.92 -14.37 2.07
C GLN A 141 -20.48 -14.13 0.66
N ALA A 142 -19.98 -13.09 -0.02
CA ALA A 142 -20.41 -12.83 -1.39
C ALA A 142 -20.04 -13.98 -2.33
N ALA A 143 -18.85 -14.56 -2.16
CA ALA A 143 -18.46 -15.70 -2.99
C ALA A 143 -19.48 -16.82 -2.86
N LEU A 144 -19.78 -17.18 -1.61
CA LEU A 144 -20.64 -18.34 -1.43
C LEU A 144 -22.06 -18.05 -1.91
N ARG A 145 -22.53 -16.81 -1.75
CA ARG A 145 -23.86 -16.46 -2.26
C ARG A 145 -23.95 -16.68 -3.77
N HIS A 146 -22.80 -16.57 -4.44
CA HIS A 146 -22.79 -16.64 -5.90
C HIS A 146 -22.13 -17.94 -6.39
N ASN A 147 -22.08 -18.95 -5.52
CA ASN A 147 -21.58 -20.27 -5.93
C ASN A 147 -20.11 -20.20 -6.36
N ILE A 148 -19.36 -19.26 -5.76
CA ILE A 148 -17.93 -19.12 -6.04
C ILE A 148 -17.18 -19.60 -4.79
N ALA A 149 -16.13 -20.42 -5.01
CA ALA A 149 -15.29 -20.83 -3.88
C ALA A 149 -14.35 -19.71 -3.50
N PRO A 150 -14.34 -19.29 -2.22
CA PRO A 150 -13.34 -18.34 -1.75
C PRO A 150 -12.08 -19.13 -1.38
N ILE A 151 -10.96 -18.78 -2.02
CA ILE A 151 -9.70 -19.49 -1.79
C ILE A 151 -8.89 -18.78 -0.73
N PHE A 152 -8.56 -19.52 0.35
CA PHE A 152 -7.75 -19.05 1.45
C PHE A 152 -6.32 -19.56 1.36
N ILE A 153 -5.40 -18.72 1.86
CA ILE A 153 -3.98 -18.98 1.83
C ILE A 153 -3.59 -19.59 3.18
N CYS A 154 -2.88 -20.71 3.11
CA CYS A 154 -2.29 -21.34 4.27
C CYS A 154 -0.77 -21.15 4.21
N PRO A 155 -0.19 -20.24 5.02
CA PRO A 155 1.26 -20.06 5.07
C PRO A 155 1.92 -21.32 5.65
N PRO A 156 3.20 -21.57 5.32
CA PRO A 156 3.86 -22.81 5.72
C PRO A 156 4.08 -22.89 7.23
N ASN A 157 3.83 -21.76 7.90
CA ASN A 157 4.02 -21.55 9.33
C ASN A 157 2.69 -21.45 10.07
N ALA A 158 1.58 -21.83 9.41
CA ALA A 158 0.25 -21.62 9.97
C ALA A 158 0.12 -22.35 11.30
N ASP A 159 -0.40 -21.65 12.31
CA ASP A 159 -0.70 -22.25 13.59
C ASP A 159 -2.07 -22.94 13.52
N ASP A 160 -2.46 -23.57 14.64
CA ASP A 160 -3.65 -24.41 14.64
C ASP A 160 -4.91 -23.57 14.39
N ASP A 161 -4.97 -22.36 14.98
CA ASP A 161 -6.12 -21.48 14.84
C ASP A 161 -6.31 -21.09 13.37
N LEU A 162 -5.21 -20.75 12.68
CA LEU A 162 -5.30 -20.35 11.27
C LEU A 162 -5.73 -21.53 10.42
N LEU A 163 -5.17 -22.71 10.70
CA LEU A 163 -5.53 -23.88 9.91
C LEU A 163 -7.02 -24.15 10.06
N ARG A 164 -7.54 -24.00 11.28
CA ARG A 164 -8.96 -24.25 11.50
C ARG A 164 -9.80 -23.21 10.78
N GLN A 165 -9.31 -21.96 10.73
CA GLN A 165 -10.02 -20.90 10.02
C GLN A 165 -10.05 -21.18 8.53
N VAL A 166 -8.89 -21.46 7.94
CA VAL A 166 -8.81 -21.75 6.51
C VAL A 166 -9.64 -22.98 6.16
N ALA A 167 -9.60 -24.02 7.01
CA ALA A 167 -10.34 -25.24 6.78
C ALA A 167 -11.85 -24.97 6.75
N SER A 168 -12.32 -24.16 7.70
CA SER A 168 -13.75 -23.89 7.84
C SER A 168 -14.27 -22.99 6.73
N TYR A 169 -13.53 -21.91 6.44
CA TYR A 169 -13.99 -20.84 5.58
C TYR A 169 -13.81 -21.15 4.09
N GLY A 170 -12.75 -21.89 3.75
CA GLY A 170 -12.40 -22.09 2.35
C GLY A 170 -13.30 -23.08 1.63
N ARG A 171 -13.31 -23.01 0.29
CA ARG A 171 -13.93 -24.07 -0.50
C ARG A 171 -13.09 -24.23 -1.74
N GLY A 172 -13.37 -25.27 -2.52
CA GLY A 172 -12.69 -25.44 -3.80
C GLY A 172 -11.34 -26.11 -3.62
N TYR A 173 -10.34 -25.31 -3.23
CA TYR A 173 -9.06 -25.86 -2.80
C TYR A 173 -8.52 -24.94 -1.72
N THR A 174 -7.54 -25.45 -0.95
CA THR A 174 -6.80 -24.60 -0.01
C THR A 174 -5.44 -24.29 -0.62
N TYR A 175 -5.07 -23.02 -0.63
CA TYR A 175 -3.81 -22.65 -1.24
C TYR A 175 -2.70 -22.86 -0.22
N LEU A 176 -1.83 -23.84 -0.47
CA LEU A 176 -0.73 -24.11 0.43
C LEU A 176 0.51 -23.39 -0.09
N LEU A 177 0.86 -22.30 0.59
CA LEU A 177 2.00 -21.48 0.22
C LEU A 177 3.29 -22.25 0.50
N SER A 178 4.20 -22.27 -0.48
N SER A 178 4.19 -22.31 -0.50
CA SER A 178 5.42 -23.04 -0.37
CA SER A 178 5.45 -23.02 -0.38
C SER A 178 6.48 -22.32 0.48
C SER A 178 6.39 -22.34 0.63
N ARG A 179 6.29 -21.00 0.70
CA ARG A 179 7.28 -20.18 1.36
C ARG A 179 6.74 -18.77 1.56
N SER A 180 7.45 -17.97 2.36
CA SER A 180 7.21 -16.54 2.42
C SER A 180 7.69 -15.87 1.13
N GLY A 181 7.58 -14.54 1.05
CA GLY A 181 7.93 -13.80 -0.16
C GLY A 181 6.77 -13.72 -1.16
N VAL A 182 7.14 -13.49 -2.43
CA VAL A 182 6.16 -13.20 -3.47
C VAL A 182 6.34 -14.24 -4.57
N THR A 183 5.42 -14.27 -5.57
CA THR A 183 5.52 -15.26 -6.63
C THR A 183 6.89 -15.16 -7.32
N GLY A 184 7.40 -16.31 -7.76
CA GLY A 184 8.59 -16.33 -8.60
C GLY A 184 9.23 -17.71 -8.66
N ALA A 185 9.71 -18.07 -9.85
CA ALA A 185 10.29 -19.37 -10.13
C ALA A 185 11.71 -19.44 -9.59
N GLU A 186 12.31 -18.28 -9.31
CA GLU A 186 13.70 -18.25 -8.89
C GLU A 186 13.83 -18.87 -7.49
N ASN A 187 12.88 -18.52 -6.61
CA ASN A 187 12.95 -18.96 -5.22
C ASN A 187 12.07 -20.19 -5.04
N ARG A 188 12.72 -21.34 -4.77
CA ARG A 188 12.01 -22.59 -4.52
C ARG A 188 11.73 -22.69 -3.02
N GLY A 189 10.52 -23.11 -2.67
CA GLY A 189 10.13 -23.02 -1.28
C GLY A 189 10.09 -24.37 -0.58
N ALA A 190 8.87 -24.87 -0.43
CA ALA A 190 8.56 -25.90 0.54
C ALA A 190 8.67 -27.29 -0.10
N PRO A 192 8.32 -29.28 2.99
CA PRO A 192 8.25 -29.47 4.45
C PRO A 192 6.83 -29.16 4.92
N LEU A 193 5.86 -29.59 4.11
CA LEU A 193 4.49 -29.14 4.31
C LEU A 193 3.57 -30.30 4.67
N HIS A 194 4.10 -31.49 4.91
CA HIS A 194 3.21 -32.63 5.13
C HIS A 194 2.44 -32.51 6.44
N HIS A 195 3.02 -31.80 7.42
CA HIS A 195 2.36 -31.55 8.71
C HIS A 195 1.11 -30.70 8.51
N LEU A 196 1.23 -29.65 7.69
CA LEU A 196 0.08 -28.78 7.44
C LEU A 196 -0.95 -29.57 6.64
N ILE A 197 -0.47 -30.37 5.68
CA ILE A 197 -1.34 -31.10 4.78
C ILE A 197 -2.22 -32.03 5.61
N GLU A 198 -1.62 -32.69 6.60
CA GLU A 198 -2.32 -33.66 7.44
C GLU A 198 -3.36 -32.97 8.33
N LYS A 199 -2.98 -31.82 8.91
CA LYS A 199 -3.90 -31.05 9.75
C LYS A 199 -5.08 -30.51 8.92
N LEU A 200 -4.82 -30.03 7.71
CA LEU A 200 -5.91 -29.53 6.88
C LEU A 200 -6.91 -30.65 6.58
N LYS A 201 -6.39 -31.85 6.30
CA LYS A 201 -7.27 -32.99 6.07
C LYS A 201 -8.07 -33.35 7.33
N GLU A 202 -7.43 -33.24 8.50
CA GLU A 202 -8.11 -33.57 9.73
C GLU A 202 -9.28 -32.62 9.94
N TYR A 203 -9.09 -31.36 9.52
CA TYR A 203 -10.11 -30.33 9.69
C TYR A 203 -11.06 -30.25 8.48
N HIS A 204 -11.00 -31.24 7.59
CA HIS A 204 -11.90 -31.30 6.45
C HIS A 204 -11.79 -30.04 5.59
N ALA A 205 -10.57 -29.54 5.40
CA ALA A 205 -10.31 -28.43 4.51
C ALA A 205 -10.57 -28.84 3.06
N ALA A 206 -10.78 -27.83 2.21
CA ALA A 206 -10.75 -28.10 0.78
C ALA A 206 -9.38 -28.67 0.43
N PRO A 207 -9.29 -29.55 -0.61
CA PRO A 207 -8.01 -30.19 -0.95
C PRO A 207 -6.92 -29.15 -1.19
N ALA A 208 -5.69 -29.47 -0.79
CA ALA A 208 -4.57 -28.52 -0.88
C ALA A 208 -3.92 -28.51 -2.26
N LEU A 209 -3.65 -27.31 -2.77
CA LEU A 209 -2.76 -27.17 -3.94
C LEU A 209 -1.56 -26.37 -3.48
N GLN A 210 -0.36 -26.91 -3.73
CA GLN A 210 0.87 -26.19 -3.36
C GLN A 210 1.22 -25.16 -4.43
N GLY A 211 1.52 -23.95 -4.01
CA GLY A 211 1.91 -22.92 -5.01
C GLY A 211 2.97 -22.02 -4.47
N PHE A 212 3.69 -21.34 -5.35
CA PHE A 212 4.86 -20.42 -5.21
C PHE A 212 6.13 -21.23 -5.41
N GLY A 213 6.88 -20.81 -6.42
CA GLY A 213 8.18 -21.42 -6.72
C GLY A 213 8.13 -22.78 -7.45
N ILE A 214 6.96 -23.26 -7.86
CA ILE A 214 6.86 -24.58 -8.54
C ILE A 214 7.24 -24.39 -10.02
N SER A 215 8.36 -24.97 -10.43
CA SER A 215 8.79 -24.71 -11.84
C SER A 215 9.30 -26.00 -12.49
N SER A 216 9.27 -27.13 -11.80
CA SER A 216 9.85 -28.34 -12.36
C SER A 216 8.94 -29.53 -12.09
N PRO A 217 8.97 -30.56 -12.95
CA PRO A 217 8.20 -31.78 -12.69
C PRO A 217 8.42 -32.42 -11.34
N GLU A 218 9.68 -32.41 -10.87
N GLU A 218 9.68 -32.44 -10.85
CA GLU A 218 10.00 -33.08 -9.62
CA GLU A 218 9.90 -33.16 -9.60
C GLU A 218 9.23 -32.42 -8.50
C GLU A 218 9.20 -32.42 -8.47
N GLN A 219 8.98 -31.11 -8.62
CA GLN A 219 8.29 -30.41 -7.53
C GLN A 219 6.81 -30.77 -7.51
N VAL A 220 6.24 -31.00 -8.68
CA VAL A 220 4.86 -31.44 -8.79
C VAL A 220 4.73 -32.83 -8.15
N SER A 221 5.61 -33.77 -8.52
N SER A 221 5.61 -33.74 -8.54
CA SER A 221 5.57 -35.10 -7.92
CA SER A 221 5.63 -35.07 -7.95
C SER A 221 5.78 -35.04 -6.41
C SER A 221 5.75 -35.00 -6.43
N ALA A 222 6.68 -34.16 -5.96
CA ALA A 222 6.94 -34.05 -4.52
C ALA A 222 5.69 -33.53 -3.80
N ALA A 223 4.95 -32.61 -4.43
CA ALA A 223 3.78 -32.03 -3.73
C ALA A 223 2.74 -33.13 -3.48
N VAL A 224 2.52 -33.97 -4.50
CA VAL A 224 1.53 -35.04 -4.43
C VAL A 224 1.99 -36.10 -3.42
N ARG A 225 3.30 -36.40 -3.45
CA ARG A 225 3.88 -37.37 -2.53
C ARG A 225 3.69 -36.89 -1.08
N ALA A 226 3.77 -35.57 -0.85
CA ALA A 226 3.61 -35.04 0.52
C ALA A 226 2.15 -35.06 0.99
N GLY A 227 1.23 -35.34 0.07
CA GLY A 227 -0.19 -35.51 0.37
C GLY A 227 -1.08 -34.39 -0.18
N ALA A 228 -0.49 -33.41 -0.89
CA ALA A 228 -1.28 -32.35 -1.51
C ALA A 228 -2.05 -32.95 -2.68
N ALA A 229 -3.16 -32.28 -3.05
CA ALA A 229 -4.00 -32.72 -4.16
C ALA A 229 -3.39 -32.30 -5.50
N GLY A 230 -2.38 -31.43 -5.46
CA GLY A 230 -1.77 -30.96 -6.71
C GLY A 230 -0.89 -29.73 -6.49
N ALA A 231 -0.54 -29.08 -7.60
CA ALA A 231 0.40 -27.98 -7.57
C ALA A 231 0.01 -26.92 -8.61
N ILE A 232 0.32 -25.66 -8.25
CA ILE A 232 0.15 -24.50 -9.11
C ILE A 232 1.51 -23.95 -9.54
N SER A 233 1.62 -23.61 -10.84
CA SER A 233 2.84 -23.01 -11.38
C SER A 233 2.46 -21.78 -12.20
N GLY A 234 3.06 -20.63 -11.86
CA GLY A 234 2.76 -19.37 -12.52
C GLY A 234 3.97 -18.80 -13.25
N SER A 235 4.94 -18.30 -12.48
CA SER A 235 6.12 -17.67 -13.06
C SER A 235 6.78 -18.53 -14.13
N ALA A 236 6.90 -19.85 -13.90
CA ALA A 236 7.55 -20.69 -14.90
C ALA A 236 6.82 -20.64 -16.24
N ILE A 237 5.47 -20.59 -16.21
CA ILE A 237 4.63 -20.54 -17.40
C ILE A 237 4.78 -19.16 -18.05
N VAL A 238 4.69 -18.10 -17.25
CA VAL A 238 4.77 -16.74 -17.74
C VAL A 238 6.15 -16.44 -18.33
N LYS A 239 7.21 -17.04 -17.77
CA LYS A 239 8.54 -16.89 -18.34
C LYS A 239 8.58 -17.38 -19.78
N ILE A 240 7.82 -18.44 -20.11
CA ILE A 240 7.82 -18.96 -21.49
C ILE A 240 7.15 -17.95 -22.42
N ILE A 241 6.11 -17.28 -21.92
CA ILE A 241 5.48 -16.21 -22.68
C ILE A 241 6.51 -15.09 -22.95
N GLU A 242 7.14 -14.61 -21.88
CA GLU A 242 8.10 -13.52 -21.96
C GLU A 242 9.21 -13.85 -22.96
N LYS A 243 9.73 -15.09 -22.88
CA LYS A 243 10.89 -15.49 -23.69
C LYS A 243 10.54 -15.56 -25.17
N ASN A 244 9.26 -15.80 -25.48
CA ASN A 244 8.87 -16.14 -26.84
C ASN A 244 7.92 -15.11 -27.44
N LEU A 245 7.93 -13.86 -26.95
CA LEU A 245 6.99 -12.86 -27.43
C LEU A 245 7.12 -12.71 -28.94
N ALA A 246 8.35 -12.83 -29.45
CA ALA A 246 8.58 -12.56 -30.87
C ALA A 246 8.11 -13.71 -31.76
N SER A 247 7.83 -14.89 -31.19
CA SER A 247 7.39 -16.02 -32.00
C SER A 247 6.21 -16.71 -31.35
N PRO A 248 4.97 -16.21 -31.61
CA PRO A 248 3.76 -16.81 -31.05
C PRO A 248 3.63 -18.32 -31.26
N LYS A 249 4.08 -18.82 -32.42
CA LYS A 249 4.05 -20.25 -32.71
C LYS A 249 4.96 -21.02 -31.73
N GLN A 250 6.20 -20.54 -31.55
CA GLN A 250 7.17 -21.18 -30.67
C GLN A 250 6.70 -21.07 -29.22
N MET A 251 6.08 -19.94 -28.91
CA MET A 251 5.55 -19.76 -27.56
C MET A 251 4.59 -20.90 -27.20
N LEU A 252 3.65 -21.18 -28.10
CA LEU A 252 2.62 -22.18 -27.86
C LEU A 252 3.27 -23.56 -27.79
N ALA A 253 4.26 -23.82 -28.66
CA ALA A 253 4.93 -25.11 -28.64
C ALA A 253 5.66 -25.34 -27.32
N GLU A 254 6.28 -24.28 -26.78
CA GLU A 254 7.07 -24.43 -25.57
C GLU A 254 6.12 -24.52 -24.37
N LEU A 255 5.00 -23.79 -24.44
CA LEU A 255 4.00 -23.91 -23.36
C LEU A 255 3.45 -25.33 -23.31
N ARG A 256 3.19 -25.90 -24.50
CA ARG A 256 2.63 -27.23 -24.58
C ARG A 256 3.58 -28.24 -23.97
N SER A 257 4.86 -28.17 -24.39
N SER A 257 4.87 -28.15 -24.33
N SER A 257 4.86 -28.15 -24.36
CA SER A 257 5.90 -29.06 -23.91
CA SER A 257 5.89 -29.09 -23.90
CA SER A 257 5.87 -29.09 -23.89
C SER A 257 5.97 -28.99 -22.39
C SER A 257 6.11 -28.99 -22.38
C SER A 257 6.03 -28.99 -22.37
N PHE A 258 6.05 -27.76 -21.85
CA PHE A 258 6.21 -27.54 -20.42
C PHE A 258 5.02 -28.11 -19.66
N VAL A 259 3.79 -27.74 -20.06
CA VAL A 259 2.61 -28.18 -19.34
C VAL A 259 2.49 -29.70 -19.42
N SER A 260 2.77 -30.29 -20.59
CA SER A 260 2.75 -31.74 -20.74
C SER A 260 3.65 -32.41 -19.72
N ALA A 261 4.87 -31.88 -19.54
CA ALA A 261 5.85 -32.46 -18.63
C ALA A 261 5.39 -32.33 -17.19
N MET A 262 4.87 -31.14 -16.87
CA MET A 262 4.43 -30.87 -15.50
C MET A 262 3.24 -31.76 -15.17
N LYS A 263 2.30 -31.92 -16.11
CA LYS A 263 1.14 -32.77 -15.85
C LYS A 263 1.55 -34.24 -15.74
N ALA A 264 2.50 -34.68 -16.55
CA ALA A 264 2.98 -36.05 -16.47
C ALA A 264 3.48 -36.38 -15.06
N ALA A 265 4.10 -35.40 -14.40
CA ALA A 265 4.65 -35.60 -13.06
C ALA A 265 3.57 -35.87 -12.02
N SER A 266 2.33 -35.52 -12.34
CA SER A 266 1.25 -35.61 -11.37
C SER A 266 0.58 -36.99 -11.39
N ARG A 267 0.89 -37.79 -12.42
CA ARG A 267 0.18 -39.04 -12.67
C ARG A 267 0.76 -40.15 -11.79
N ALA A 268 -0.11 -41.10 -11.46
CA ALA A 268 0.23 -42.22 -10.60
C ALA A 268 1.17 -43.18 -11.35
N THR B 2 -7.26 -11.45 15.21
CA THR B 2 -7.30 -10.84 16.59
C THR B 2 -6.21 -9.78 16.69
N THR B 3 -6.58 -8.60 17.21
CA THR B 3 -5.62 -7.54 17.44
C THR B 3 -5.84 -6.96 18.83
N LEU B 4 -4.83 -6.25 19.34
CA LEU B 4 -4.95 -5.62 20.65
C LEU B 4 -5.74 -4.32 20.56
N LEU B 5 -5.62 -3.63 19.42
CA LEU B 5 -6.22 -2.33 19.17
C LEU B 5 -7.17 -2.42 17.97
N ASN B 6 -8.11 -1.48 17.91
CA ASN B 6 -9.06 -1.43 16.81
C ASN B 6 -8.31 -1.06 15.53
N PRO B 7 -8.33 -1.90 14.48
CA PRO B 7 -7.64 -1.54 13.23
C PRO B 7 -8.39 -0.55 12.34
N TYR B 8 -9.63 -0.20 12.71
CA TYR B 8 -10.48 0.67 11.93
C TYR B 8 -10.79 1.99 12.63
N PHE B 9 -10.98 3.02 11.79
CA PHE B 9 -11.54 4.29 12.23
C PHE B 9 -12.89 4.39 11.51
N GLY B 10 -13.96 4.01 12.18
CA GLY B 10 -15.22 3.83 11.47
C GLY B 10 -15.10 2.75 10.41
N GLU B 11 -15.44 3.09 9.16
CA GLU B 11 -15.35 2.11 8.07
C GLU B 11 -13.95 2.08 7.44
N PHE B 12 -13.07 2.99 7.88
CA PHE B 12 -11.81 3.20 7.18
C PHE B 12 -10.67 2.52 7.91
N GLY B 13 -9.75 1.94 7.14
CA GLY B 13 -8.52 1.39 7.70
C GLY B 13 -8.39 -0.11 7.43
N GLY B 14 -8.17 -0.93 8.48
CA GLY B 14 -8.04 -2.36 8.27
C GLY B 14 -6.59 -2.84 8.05
N MET B 15 -6.47 -4.11 7.65
CA MET B 15 -5.21 -4.80 7.50
C MET B 15 -5.28 -5.63 6.21
N TYR B 16 -5.31 -4.91 5.09
CA TYR B 16 -5.45 -5.56 3.79
C TYR B 16 -4.10 -5.92 3.20
N VAL B 17 -3.45 -6.89 3.83
CA VAL B 17 -2.16 -7.41 3.38
C VAL B 17 -2.31 -8.89 3.09
N PRO B 18 -1.40 -9.47 2.27
CA PRO B 18 -1.33 -10.92 2.13
C PRO B 18 -1.19 -11.60 3.49
N GLN B 19 -1.79 -12.77 3.59
CA GLN B 19 -1.81 -13.54 4.84
C GLN B 19 -0.39 -13.68 5.41
N ILE B 20 0.60 -13.85 4.54
CA ILE B 20 1.98 -14.04 4.98
C ILE B 20 2.47 -12.89 5.87
N LEU B 21 1.92 -11.68 5.70
CA LEU B 21 2.36 -10.50 6.44
C LEU B 21 1.59 -10.27 7.73
N MET B 22 0.51 -11.01 7.98
CA MET B 22 -0.25 -10.75 9.21
C MET B 22 0.61 -10.92 10.46
N PRO B 23 1.44 -11.98 10.61
CA PRO B 23 2.28 -12.06 11.81
C PRO B 23 3.21 -10.87 12.03
N ALA B 24 3.72 -10.29 10.94
CA ALA B 24 4.53 -9.07 11.06
C ALA B 24 3.71 -7.90 11.60
N LEU B 25 2.48 -7.73 11.12
CA LEU B 25 1.64 -6.66 11.67
C LEU B 25 1.30 -6.91 13.14
N ASN B 26 0.93 -8.15 13.50
CA ASN B 26 0.61 -8.47 14.90
C ASN B 26 1.81 -8.24 15.80
N GLN B 27 3.00 -8.65 15.34
CA GLN B 27 4.23 -8.47 16.10
C GLN B 27 4.46 -6.97 16.36
N LEU B 28 4.35 -6.16 15.31
CA LEU B 28 4.57 -4.73 15.42
C LEU B 28 3.58 -4.07 16.37
N GLU B 29 2.30 -4.48 16.27
CA GLU B 29 1.29 -3.93 17.14
C GLU B 29 1.64 -4.27 18.58
N GLU B 30 2.02 -5.54 18.85
CA GLU B 30 2.29 -5.92 20.24
C GLU B 30 3.47 -5.10 20.77
N ALA B 31 4.50 -4.92 19.94
CA ALA B 31 5.71 -4.22 20.33
C ALA B 31 5.40 -2.75 20.64
N PHE B 32 4.52 -2.16 19.83
CA PHE B 32 4.06 -0.79 20.04
C PHE B 32 3.30 -0.65 21.36
N VAL B 33 2.34 -1.54 21.59
CA VAL B 33 1.51 -1.44 22.78
C VAL B 33 2.41 -1.53 24.01
N SER B 34 3.39 -2.42 23.93
CA SER B 34 4.30 -2.63 25.04
C SER B 34 5.18 -1.40 25.25
N ALA B 35 5.74 -0.89 24.16
CA ALA B 35 6.59 0.29 24.21
C ALA B 35 5.85 1.50 24.79
N GLN B 36 4.56 1.67 24.46
CA GLN B 36 3.82 2.83 24.96
C GLN B 36 3.65 2.80 26.48
N LYS B 37 3.79 1.61 27.09
CA LYS B 37 3.65 1.45 28.54
C LYS B 37 5.01 1.40 29.23
N ASP B 38 6.08 1.52 28.44
CA ASP B 38 7.43 1.28 28.94
C ASP B 38 8.10 2.61 29.19
N PRO B 39 8.35 3.04 30.44
CA PRO B 39 8.94 4.36 30.65
C PRO B 39 10.37 4.49 30.10
N GLU B 40 11.10 3.36 30.02
CA GLU B 40 12.45 3.41 29.48
C GLU B 40 12.38 3.70 27.98
N PHE B 41 11.40 3.10 27.30
CA PHE B 41 11.25 3.38 25.86
C PHE B 41 10.92 4.85 25.66
N GLN B 42 9.93 5.33 26.42
CA GLN B 42 9.51 6.71 26.32
C GLN B 42 10.69 7.65 26.59
N ALA B 43 11.50 7.36 27.63
CA ALA B 43 12.64 8.20 27.96
C ALA B 43 13.65 8.24 26.82
N GLN B 44 13.89 7.08 26.19
N GLN B 44 13.90 7.07 26.20
CA GLN B 44 14.87 7.03 25.10
CA GLN B 44 14.84 6.98 25.09
C GLN B 44 14.35 7.84 23.91
C GLN B 44 14.34 7.83 23.93
N PHE B 45 13.05 7.69 23.62
CA PHE B 45 12.45 8.43 22.51
C PHE B 45 12.53 9.93 22.78
N ALA B 46 12.17 10.34 24.02
CA ALA B 46 12.19 11.75 24.35
C ALA B 46 13.60 12.32 24.24
N ASP B 47 14.60 11.51 24.63
CA ASP B 47 15.99 11.94 24.60
C ASP B 47 16.41 12.21 23.15
N LEU B 48 16.10 11.28 22.25
CA LEU B 48 16.42 11.52 20.85
C LEU B 48 15.70 12.74 20.32
N LEU B 49 14.39 12.87 20.64
CA LEU B 49 13.64 14.00 20.12
C LEU B 49 14.28 15.32 20.57
N LYS B 50 14.67 15.37 21.86
CA LYS B 50 15.20 16.62 22.39
C LYS B 50 16.63 16.87 21.91
N ASN B 51 17.53 15.91 22.15
CA ASN B 51 18.97 16.17 22.08
C ASN B 51 19.53 15.91 20.69
N TYR B 52 18.79 15.16 19.87
CA TYR B 52 19.24 14.86 18.52
C TYR B 52 18.40 15.67 17.53
N ALA B 53 17.06 15.63 17.66
CA ALA B 53 16.21 16.28 16.68
C ALA B 53 15.96 17.76 16.97
N GLY B 54 16.04 18.14 18.26
CA GLY B 54 15.95 19.54 18.65
C GLY B 54 14.56 19.96 19.16
N ARG B 55 13.72 19.02 19.62
CA ARG B 55 12.40 19.37 20.16
C ARG B 55 12.59 20.01 21.55
N PRO B 56 11.70 20.91 21.98
CA PRO B 56 10.50 21.32 21.24
C PRO B 56 10.82 22.33 20.15
N THR B 57 9.99 22.31 19.10
CA THR B 57 10.18 23.28 18.04
C THR B 57 9.46 24.59 18.41
N ALA B 58 9.95 25.71 17.86
CA ALA B 58 9.34 27.01 18.11
C ALA B 58 7.89 27.08 17.62
N LEU B 59 7.13 27.97 18.25
CA LEU B 59 5.86 28.45 17.74
C LEU B 59 6.01 29.94 17.47
N THR B 60 6.00 30.30 16.18
CA THR B 60 6.31 31.67 15.79
C THR B 60 5.05 32.46 15.47
N LYS B 61 4.92 33.64 16.08
CA LYS B 61 3.85 34.57 15.74
C LYS B 61 4.24 35.36 14.48
N CYS B 62 3.42 35.27 13.43
CA CYS B 62 3.70 35.94 12.17
C CYS B 62 2.89 37.24 12.08
N GLN B 63 3.50 38.37 12.43
CA GLN B 63 2.76 39.61 12.54
C GLN B 63 2.66 40.36 11.20
N ASN B 64 3.72 40.34 10.40
CA ASN B 64 3.72 41.09 9.15
C ASN B 64 2.60 40.59 8.23
N ILE B 65 2.43 39.25 8.17
CA ILE B 65 1.51 38.65 7.22
C ILE B 65 0.05 38.99 7.55
N THR B 66 -0.23 39.29 8.82
CA THR B 66 -1.61 39.45 9.26
C THR B 66 -1.94 40.91 9.58
N ALA B 67 -0.98 41.82 9.35
CA ALA B 67 -1.14 43.22 9.74
C ALA B 67 -2.43 43.81 9.14
N GLY B 68 -3.21 44.51 9.99
CA GLY B 68 -4.42 45.18 9.53
C GLY B 68 -5.66 44.29 9.45
N THR B 69 -5.53 43.02 9.86
CA THR B 69 -6.67 42.11 9.95
C THR B 69 -6.84 41.72 11.42
N ARG B 70 -7.91 40.98 11.72
CA ARG B 70 -8.15 40.44 13.06
C ARG B 70 -7.71 38.98 13.16
N THR B 71 -6.91 38.49 12.20
CA THR B 71 -6.29 37.19 12.33
C THR B 71 -4.98 37.31 13.11
N THR B 72 -4.81 36.43 14.10
CA THR B 72 -3.52 36.19 14.72
C THR B 72 -3.05 34.81 14.25
N LEU B 73 -1.87 34.76 13.61
CA LEU B 73 -1.38 33.52 13.00
C LEU B 73 -0.05 33.12 13.62
N TYR B 74 0.00 31.88 14.13
CA TYR B 74 1.23 31.26 14.58
C TYR B 74 1.61 30.12 13.64
N LEU B 75 2.93 29.91 13.48
CA LEU B 75 3.43 28.77 12.72
C LEU B 75 4.16 27.82 13.66
N LYS B 76 3.74 26.55 13.66
CA LYS B 76 4.47 25.53 14.39
C LYS B 76 5.67 25.11 13.55
N ARG B 77 6.89 25.26 14.09
CA ARG B 77 8.09 25.27 13.25
C ARG B 77 8.73 23.89 13.12
N GLU B 78 8.04 22.97 12.45
CA GLU B 78 8.60 21.66 12.19
C GLU B 78 9.68 21.78 11.12
N ASP B 79 9.71 22.94 10.44
CA ASP B 79 10.79 23.26 9.51
C ASP B 79 12.15 23.30 10.22
N LEU B 80 12.13 23.59 11.56
CA LEU B 80 13.36 23.68 12.34
C LEU B 80 13.82 22.33 12.91
N LEU B 81 13.02 21.26 12.77
CA LEU B 81 13.43 19.94 13.23
C LEU B 81 14.63 19.46 12.42
N HIS B 82 15.50 18.68 13.05
CA HIS B 82 16.58 18.02 12.34
C HIS B 82 16.05 17.28 11.13
N GLY B 83 16.68 17.55 9.97
CA GLY B 83 16.24 16.98 8.70
C GLY B 83 15.35 17.93 7.89
N GLY B 84 14.80 18.95 8.55
CA GLY B 84 14.05 20.00 7.86
C GLY B 84 12.57 19.71 7.66
N ALA B 85 12.06 18.63 8.29
CA ALA B 85 10.64 18.31 8.21
C ALA B 85 10.22 17.46 9.39
N HIS B 86 8.90 17.45 9.62
CA HIS B 86 8.32 16.69 10.74
C HIS B 86 8.57 15.18 10.66
N LYS B 87 8.92 14.63 9.48
CA LYS B 87 9.07 13.19 9.32
C LYS B 87 10.06 12.57 10.31
N THR B 88 11.03 13.36 10.77
CA THR B 88 12.08 12.89 11.67
C THR B 88 11.47 12.37 12.98
N ASN B 89 10.38 12.97 13.43
CA ASN B 89 9.86 12.55 14.75
C ASN B 89 9.55 11.06 14.75
N GLN B 90 8.79 10.61 13.72
CA GLN B 90 8.21 9.28 13.78
C GLN B 90 9.21 8.21 13.33
N VAL B 91 10.17 8.58 12.45
CA VAL B 91 11.20 7.61 12.10
C VAL B 91 12.07 7.26 13.31
N LEU B 92 12.33 8.23 14.22
CA LEU B 92 13.07 7.91 15.44
C LEU B 92 12.31 6.91 16.30
N GLY B 93 11.00 7.13 16.45
CA GLY B 93 10.16 6.21 17.21
C GLY B 93 10.11 4.82 16.56
N GLN B 94 9.96 4.76 15.22
CA GLN B 94 9.86 3.46 14.60
C GLN B 94 11.23 2.74 14.64
N ALA B 95 12.34 3.50 14.56
CA ALA B 95 13.67 2.90 14.67
C ALA B 95 13.82 2.24 16.04
N LEU B 96 13.33 2.92 17.09
CA LEU B 96 13.34 2.33 18.41
C LEU B 96 12.44 1.10 18.53
N LEU B 97 11.30 1.10 17.83
CA LEU B 97 10.47 -0.10 17.86
C LEU B 97 11.20 -1.25 17.17
N ALA B 98 11.85 -0.98 16.01
CA ALA B 98 12.60 -2.03 15.35
C ALA B 98 13.61 -2.67 16.30
N LYS B 99 14.33 -1.83 17.06
CA LYS B 99 15.32 -2.32 18.01
C LYS B 99 14.66 -3.10 19.14
N ARG B 100 13.50 -2.64 19.58
CA ARG B 100 12.78 -3.32 20.65
C ARG B 100 12.46 -4.76 20.23
N MET B 101 12.15 -4.94 18.94
CA MET B 101 11.77 -6.24 18.41
C MET B 101 13.01 -7.08 18.07
N GLY B 102 14.19 -6.48 18.25
CA GLY B 102 15.44 -7.19 18.00
C GLY B 102 15.89 -7.17 16.55
N LYS B 103 15.37 -6.21 15.77
CA LYS B 103 15.68 -6.14 14.34
C LYS B 103 16.83 -5.15 14.15
N SER B 104 17.66 -5.42 13.14
CA SER B 104 18.79 -4.56 12.86
C SER B 104 18.73 -4.01 11.43
N GLU B 105 17.63 -4.31 10.71
CA GLU B 105 17.48 -3.84 9.34
C GLU B 105 16.20 -3.03 9.18
N ILE B 106 16.24 -2.02 8.29
CA ILE B 106 15.10 -1.14 7.99
C ILE B 106 14.85 -1.15 6.49
N ILE B 107 13.56 -1.24 6.13
CA ILE B 107 13.05 -1.04 4.79
C ILE B 107 12.18 0.23 4.80
N ALA B 108 12.32 1.08 3.77
CA ALA B 108 11.46 2.25 3.66
C ALA B 108 11.15 2.54 2.21
N GLU B 109 9.97 3.16 2.00
CA GLU B 109 9.56 3.68 0.71
C GLU B 109 9.78 5.19 0.74
N THR B 110 10.00 5.79 -0.42
CA THR B 110 9.99 7.25 -0.50
C THR B 110 9.57 7.68 -1.90
N GLY B 111 8.94 8.86 -1.94
CA GLY B 111 8.57 9.48 -3.22
C GLY B 111 9.53 10.61 -3.58
N ALA B 112 9.29 11.78 -2.98
CA ALA B 112 10.10 12.99 -3.17
C ALA B 112 11.45 12.84 -2.48
N GLY B 113 11.53 11.94 -1.48
CA GLY B 113 12.81 11.60 -0.90
C GLY B 113 12.98 11.95 0.57
N GLN B 114 12.08 12.78 1.12
CA GLN B 114 12.23 13.22 2.49
C GLN B 114 12.09 12.05 3.44
N HIS B 115 11.16 11.12 3.17
CA HIS B 115 11.04 9.99 4.08
C HIS B 115 12.26 9.08 4.00
N GLY B 116 12.79 8.89 2.79
CA GLY B 116 14.02 8.13 2.63
C GLY B 116 15.17 8.73 3.42
N VAL B 117 15.34 10.06 3.30
CA VAL B 117 16.39 10.75 4.05
C VAL B 117 16.14 10.59 5.55
N ALA B 118 14.88 10.78 5.99
CA ALA B 118 14.58 10.67 7.42
C ALA B 118 14.88 9.25 7.92
N SER B 119 14.51 8.24 7.13
CA SER B 119 14.78 6.86 7.48
C SER B 119 16.29 6.60 7.53
N ALA B 120 17.02 7.12 6.53
CA ALA B 120 18.47 6.94 6.47
C ALA B 120 19.14 7.60 7.69
N LEU B 121 18.69 8.79 8.09
CA LEU B 121 19.36 9.46 9.21
C LEU B 121 19.11 8.73 10.51
N ALA B 122 17.89 8.26 10.70
CA ALA B 122 17.57 7.57 11.95
C ALA B 122 18.37 6.27 12.00
N SER B 123 18.47 5.61 10.84
CA SER B 123 19.15 4.32 10.77
C SER B 123 20.65 4.48 11.02
N ALA B 124 21.27 5.56 10.46
CA ALA B 124 22.67 5.88 10.72
C ALA B 124 22.90 6.09 12.21
N LEU B 125 22.03 6.91 12.83
CA LEU B 125 22.20 7.22 14.24
C LEU B 125 22.13 5.96 15.09
N LEU B 126 21.21 5.06 14.76
CA LEU B 126 20.85 3.98 15.68
C LEU B 126 21.41 2.62 15.25
N GLY B 127 22.30 2.62 14.26
CA GLY B 127 23.05 1.42 13.89
C GLY B 127 22.20 0.36 13.17
N LEU B 128 21.29 0.82 12.32
CA LEU B 128 20.44 -0.10 11.58
C LEU B 128 20.87 -0.04 10.12
N LYS B 129 20.80 -1.19 9.46
CA LYS B 129 21.10 -1.24 8.03
C LYS B 129 19.84 -0.91 7.23
N CYS B 130 19.90 0.19 6.46
CA CYS B 130 18.72 0.76 5.86
C CYS B 130 18.72 0.55 4.34
N ARG B 131 17.62 0.01 3.81
CA ARG B 131 17.38 -0.03 2.37
C ARG B 131 16.08 0.69 2.03
N ILE B 132 16.11 1.50 0.95
CA ILE B 132 15.04 2.42 0.60
C ILE B 132 14.59 2.13 -0.82
N TYR B 133 13.28 1.94 -1.03
CA TYR B 133 12.72 1.77 -2.36
C TYR B 133 12.19 3.10 -2.86
N MET B 134 12.44 3.39 -4.14
CA MET B 134 12.09 4.68 -4.71
C MET B 134 11.81 4.43 -6.19
N GLY B 135 10.63 4.89 -6.64
CA GLY B 135 10.30 4.71 -8.05
C GLY B 135 11.39 5.31 -8.91
N ALA B 136 11.69 4.65 -10.03
CA ALA B 136 12.81 5.09 -10.84
C ALA B 136 12.62 6.52 -11.35
N LYS B 137 11.36 6.92 -11.61
CA LYS B 137 11.13 8.28 -12.07
C LYS B 137 11.47 9.26 -10.94
N ASP B 138 11.20 8.87 -9.69
CA ASP B 138 11.53 9.73 -8.57
C ASP B 138 13.05 9.81 -8.35
N VAL B 139 13.73 8.68 -8.52
CA VAL B 139 15.19 8.64 -8.42
C VAL B 139 15.83 9.66 -9.36
N GLU B 140 15.36 9.67 -10.61
CA GLU B 140 15.91 10.52 -11.65
C GLU B 140 15.72 11.99 -11.27
N ARG B 141 14.59 12.31 -10.63
CA ARG B 141 14.23 13.70 -10.40
C ARG B 141 14.59 14.20 -9.00
N GLN B 142 15.11 13.32 -8.13
CA GLN B 142 15.39 13.71 -6.76
C GLN B 142 16.85 13.38 -6.42
N SER B 143 17.76 13.76 -7.33
CA SER B 143 19.18 13.48 -7.18
C SER B 143 19.72 13.98 -5.84
N PRO B 144 19.37 15.20 -5.35
CA PRO B 144 19.87 15.63 -4.03
C PRO B 144 19.49 14.67 -2.91
N ASN B 145 18.23 14.26 -2.84
CA ASN B 145 17.79 13.41 -1.75
C ASN B 145 18.42 12.01 -1.85
N VAL B 146 18.61 11.51 -3.07
CA VAL B 146 19.22 10.20 -3.28
C VAL B 146 20.67 10.23 -2.78
N PHE B 147 21.36 11.33 -3.06
CA PHE B 147 22.73 11.48 -2.61
C PHE B 147 22.81 11.57 -1.08
N ARG B 148 21.87 12.31 -0.46
CA ARG B 148 21.83 12.42 0.99
C ARG B 148 21.68 11.02 1.59
N MET B 149 20.77 10.22 1.02
CA MET B 149 20.55 8.87 1.56
C MET B 149 21.82 8.04 1.47
N ARG B 150 22.50 8.10 0.32
CA ARG B 150 23.74 7.35 0.17
C ARG B 150 24.85 7.83 1.12
N LEU B 151 24.94 9.15 1.35
CA LEU B 151 25.93 9.71 2.26
C LEU B 151 25.69 9.14 3.67
N MET B 152 24.43 8.86 3.97
CA MET B 152 24.07 8.38 5.30
C MET B 152 24.15 6.85 5.39
N GLY B 153 24.66 6.19 4.35
CA GLY B 153 24.92 4.78 4.45
C GLY B 153 23.75 3.88 4.00
N ALA B 154 22.66 4.46 3.49
CA ALA B 154 21.50 3.71 3.06
C ALA B 154 21.70 3.18 1.65
N GLU B 155 21.04 2.05 1.36
CA GLU B 155 21.01 1.48 0.03
C GLU B 155 19.73 1.99 -0.63
N VAL B 156 19.85 2.64 -1.79
CA VAL B 156 18.68 3.13 -2.50
C VAL B 156 18.45 2.25 -3.74
N ILE B 157 17.27 1.62 -3.81
CA ILE B 157 16.90 0.65 -4.83
C ILE B 157 15.80 1.26 -5.69
N PRO B 158 16.09 1.56 -6.97
CA PRO B 158 15.05 2.03 -7.89
C PRO B 158 14.03 0.93 -8.22
N VAL B 159 12.77 1.37 -8.34
CA VAL B 159 11.65 0.51 -8.64
C VAL B 159 11.12 0.87 -10.03
N HIS B 160 11.10 -0.12 -10.93
CA HIS B 160 10.83 0.10 -12.34
C HIS B 160 9.43 -0.37 -12.71
N SER B 161 8.78 -1.12 -11.81
CA SER B 161 7.46 -1.68 -12.05
C SER B 161 6.37 -0.60 -12.01
N GLY B 162 5.19 -0.97 -12.53
CA GLY B 162 4.01 -0.11 -12.52
C GLY B 162 4.32 1.28 -13.09
N SER B 163 4.05 2.32 -12.30
CA SER B 163 4.25 3.69 -12.76
C SER B 163 5.64 4.23 -12.41
N ALA B 164 6.48 3.40 -11.77
CA ALA B 164 7.84 3.77 -11.37
C ALA B 164 7.84 5.00 -10.45
N THR B 165 6.82 5.12 -9.59
N THR B 165 6.85 5.07 -9.54
CA THR B 165 6.73 6.24 -8.64
CA THR B 165 6.70 6.20 -8.65
C THR B 165 6.41 5.69 -7.24
C THR B 165 6.39 5.67 -7.24
N LEU B 166 5.89 6.57 -6.37
CA LEU B 166 5.75 6.27 -4.95
C LEU B 166 4.90 5.02 -4.70
N LYS B 167 3.74 4.91 -5.34
CA LYS B 167 2.89 3.75 -5.07
C LYS B 167 3.66 2.46 -5.40
N ASP B 168 4.52 2.49 -6.42
CA ASP B 168 5.25 1.31 -6.86
C ASP B 168 6.34 0.97 -5.85
N ALA B 169 6.93 2.01 -5.24
CA ALA B 169 7.90 1.82 -4.17
C ALA B 169 7.24 1.22 -2.92
N CYS B 170 6.00 1.68 -2.61
CA CYS B 170 5.18 1.15 -1.52
C CYS B 170 4.99 -0.34 -1.71
N ASN B 171 4.62 -0.76 -2.93
CA ASN B 171 4.44 -2.16 -3.26
C ASN B 171 5.74 -2.93 -3.00
N GLU B 172 6.85 -2.42 -3.54
CA GLU B 172 8.14 -3.10 -3.48
C GLU B 172 8.59 -3.31 -2.04
N ALA B 173 8.39 -2.29 -1.19
CA ALA B 173 8.69 -2.37 0.23
C ALA B 173 7.94 -3.55 0.85
N LEU B 174 6.64 -3.64 0.53
CA LEU B 174 5.81 -4.70 1.10
C LEU B 174 6.22 -6.08 0.55
N ARG B 175 6.65 -6.13 -0.72
CA ARG B 175 7.11 -7.38 -1.31
C ARG B 175 8.34 -7.87 -0.55
N ASP B 176 9.29 -6.94 -0.30
CA ASP B 176 10.50 -7.27 0.42
C ASP B 176 10.15 -7.78 1.83
N TRP B 177 9.31 -7.03 2.54
CA TRP B 177 9.00 -7.33 3.93
C TRP B 177 8.32 -8.70 4.02
N SER B 178 7.57 -9.05 2.97
CA SER B 178 6.80 -10.29 2.90
C SER B 178 7.73 -11.50 2.98
N GLY B 179 9.04 -11.26 2.73
CA GLY B 179 10.06 -12.31 2.83
C GLY B 179 11.09 -12.07 3.94
N SER B 180 11.18 -10.84 4.46
CA SER B 180 12.29 -10.48 5.33
C SER B 180 11.89 -10.04 6.74
N TYR B 181 10.60 -10.12 7.09
CA TYR B 181 10.06 -9.49 8.31
C TYR B 181 10.72 -10.04 9.57
N GLU B 182 11.35 -11.22 9.49
CA GLU B 182 11.93 -11.81 10.69
C GLU B 182 13.16 -11.01 11.13
N THR B 183 13.80 -10.30 10.21
CA THR B 183 15.00 -9.54 10.55
C THR B 183 14.87 -8.05 10.23
N ALA B 184 13.86 -7.67 9.43
CA ALA B 184 13.72 -6.29 8.97
C ALA B 184 12.40 -5.68 9.44
N HIS B 185 12.46 -4.40 9.79
CA HIS B 185 11.26 -3.62 10.03
C HIS B 185 10.95 -2.72 8.83
N TYR B 186 9.67 -2.69 8.46
CA TYR B 186 9.18 -1.79 7.43
C TYR B 186 8.82 -0.44 8.07
N MET B 187 9.69 0.54 7.84
N MET B 187 9.63 0.58 7.77
CA MET B 187 9.42 1.89 8.32
CA MET B 187 9.45 1.92 8.34
C MET B 187 8.57 2.61 7.28
C MET B 187 8.58 2.77 7.42
N LEU B 188 7.26 2.55 7.48
CA LEU B 188 6.29 3.23 6.62
C LEU B 188 6.32 4.73 6.90
N GLY B 189 6.17 5.54 5.86
CA GLY B 189 6.44 6.96 5.96
C GLY B 189 5.27 7.92 6.19
N THR B 190 4.04 7.42 6.41
CA THR B 190 2.94 8.32 6.68
C THR B 190 1.90 7.62 7.56
N ALA B 191 0.85 8.36 7.96
CA ALA B 191 -0.19 7.83 8.83
C ALA B 191 -1.24 7.06 8.02
N ALA B 192 -0.76 6.08 7.26
CA ALA B 192 -1.60 5.32 6.36
C ALA B 192 -1.02 3.90 6.28
N GLY B 193 -1.60 3.11 5.38
CA GLY B 193 -1.23 1.71 5.27
C GLY B 193 -2.00 0.85 6.29
N PRO B 194 -1.63 -0.43 6.46
CA PRO B 194 -2.39 -1.37 7.29
C PRO B 194 -2.17 -1.01 8.76
N HIS B 195 -3.17 -1.30 9.57
CA HIS B 195 -2.96 -1.24 11.02
C HIS B 195 -1.78 -2.13 11.33
N PRO B 196 -0.88 -1.77 12.27
CA PRO B 196 -1.06 -0.61 13.16
C PRO B 196 -0.40 0.72 12.76
N TYR B 197 -0.01 0.85 11.50
CA TYR B 197 0.76 2.02 11.11
C TYR B 197 0.04 3.36 11.29
N PRO B 198 -1.24 3.54 10.90
CA PRO B 198 -1.89 4.83 11.10
C PRO B 198 -1.89 5.26 12.58
N THR B 199 -2.01 4.26 13.47
CA THR B 199 -2.01 4.54 14.92
C THR B 199 -0.61 4.89 15.42
N ILE B 200 0.39 4.09 15.01
CA ILE B 200 1.77 4.28 15.46
C ILE B 200 2.27 5.64 14.99
N VAL B 201 2.06 5.94 13.70
CA VAL B 201 2.56 7.22 13.19
C VAL B 201 1.92 8.41 13.88
N ARG B 202 0.60 8.36 14.12
CA ARG B 202 -0.05 9.43 14.88
C ARG B 202 0.61 9.59 16.23
N GLU B 203 0.76 8.47 16.95
CA GLU B 203 1.29 8.58 18.31
C GLU B 203 2.74 9.08 18.34
N PHE B 204 3.51 8.78 17.27
CA PHE B 204 4.89 9.21 17.18
C PHE B 204 5.01 10.60 16.52
N GLN B 205 3.87 11.25 16.18
CA GLN B 205 3.85 12.62 15.72
C GLN B 205 3.06 13.55 16.64
N ARG B 206 2.45 12.98 17.69
CA ARG B 206 1.46 13.76 18.47
C ARG B 206 2.08 14.83 19.36
N MET B 207 3.39 14.83 19.45
CA MET B 207 4.11 15.88 20.19
C MET B 207 3.97 17.24 19.49
N ILE B 208 3.75 17.22 18.17
CA ILE B 208 3.50 18.50 17.48
C ILE B 208 2.30 19.22 18.10
N GLY B 209 1.16 18.53 18.19
CA GLY B 209 -0.04 19.16 18.72
C GLY B 209 0.08 19.39 20.23
N GLU B 210 0.75 18.47 20.92
CA GLU B 210 0.87 18.62 22.39
C GLU B 210 1.67 19.89 22.69
N GLU B 211 2.79 20.06 21.99
CA GLU B 211 3.59 21.28 22.16
C GLU B 211 2.79 22.52 21.77
N THR B 212 2.17 22.49 20.58
CA THR B 212 1.37 23.62 20.10
C THR B 212 0.37 24.06 21.19
N LYS B 213 -0.32 23.08 21.80
CA LYS B 213 -1.32 23.41 22.80
C LYS B 213 -0.68 24.13 23.99
N ALA B 214 0.45 23.62 24.47
CA ALA B 214 1.12 24.26 25.62
C ALA B 214 1.62 25.65 25.24
N GLN B 215 2.14 25.78 24.01
CA GLN B 215 2.73 27.04 23.57
C GLN B 215 1.65 28.10 23.38
N ILE B 216 0.53 27.74 22.74
CA ILE B 216 -0.57 28.67 22.56
C ILE B 216 -1.16 29.09 23.92
N LEU B 217 -1.34 28.13 24.85
N LEU B 217 -1.29 28.11 24.82
CA LEU B 217 -1.88 28.53 26.15
CA LEU B 217 -1.82 28.40 26.15
C LEU B 217 -0.93 29.52 26.83
C LEU B 217 -0.94 29.44 26.84
N ASP B 218 0.37 29.26 26.77
CA ASP B 218 1.35 30.15 27.38
C ASP B 218 1.29 31.56 26.77
N LYS B 219 1.24 31.65 25.44
N LYS B 219 1.17 31.64 25.44
CA LYS B 219 1.30 32.94 24.78
CA LYS B 219 1.31 32.92 24.75
C LYS B 219 -0.06 33.66 24.79
C LYS B 219 -0.02 33.63 24.54
N GLU B 220 -1.14 32.91 24.59
CA GLU B 220 -2.45 33.50 24.32
C GLU B 220 -3.49 33.28 25.42
N GLY B 221 -3.23 32.29 26.29
CA GLY B 221 -4.12 32.00 27.41
C GLY B 221 -5.41 31.26 27.01
N ARG B 222 -5.43 30.71 25.78
N ARG B 222 -5.36 30.59 25.86
CA ARG B 222 -6.60 30.01 25.27
CA ARG B 222 -6.54 29.91 25.35
C ARG B 222 -6.22 29.17 24.04
C ARG B 222 -6.08 28.87 24.33
N LEU B 223 -7.07 28.18 23.74
CA LEU B 223 -6.85 27.29 22.61
C LEU B 223 -7.03 28.07 21.31
N PRO B 224 -6.43 27.56 20.21
CA PRO B 224 -6.63 28.19 18.90
C PRO B 224 -8.06 28.00 18.44
N ASP B 225 -8.53 28.90 17.57
CA ASP B 225 -9.81 28.71 16.87
C ASP B 225 -9.70 27.55 15.87
N ALA B 226 -8.52 27.39 15.24
CA ALA B 226 -8.32 26.30 14.29
C ALA B 226 -6.82 26.04 14.13
N VAL B 227 -6.50 24.76 13.87
CA VAL B 227 -5.16 24.33 13.50
C VAL B 227 -5.29 23.77 12.09
N ILE B 228 -4.31 24.14 11.24
CA ILE B 228 -4.37 23.93 9.79
C ILE B 228 -3.11 23.21 9.35
N ALA B 229 -3.27 22.14 8.56
CA ALA B 229 -2.11 21.36 8.18
C ALA B 229 -2.35 20.77 6.79
N CYS B 230 -1.28 20.73 5.98
CA CYS B 230 -1.39 20.04 4.71
C CYS B 230 -1.52 18.52 4.87
N VAL B 231 -2.11 17.87 3.86
CA VAL B 231 -2.42 16.44 3.94
C VAL B 231 -1.91 15.77 2.67
N GLY B 232 -0.79 15.04 2.80
CA GLY B 232 -0.27 14.20 1.73
C GLY B 232 -0.78 12.79 1.96
N GLY B 233 -0.20 12.11 2.95
CA GLY B 233 -0.74 10.88 3.48
C GLY B 233 -1.37 11.10 4.85
N GLY B 234 -0.99 12.19 5.53
CA GLY B 234 -1.72 12.53 6.75
C GLY B 234 -0.90 12.60 8.04
N SER B 235 0.41 12.33 8.01
CA SER B 235 1.20 12.27 9.26
C SER B 235 1.33 13.62 9.95
N ASN B 236 1.76 14.68 9.25
CA ASN B 236 1.92 15.95 9.96
C ASN B 236 0.59 16.48 10.46
N ALA B 237 -0.48 16.29 9.66
CA ALA B 237 -1.78 16.82 10.06
C ALA B 237 -2.29 16.06 11.29
N ILE B 238 -2.23 14.72 11.28
CA ILE B 238 -2.71 13.98 12.46
C ILE B 238 -1.82 14.29 13.66
N GLY B 239 -0.52 14.53 13.46
CA GLY B 239 0.32 14.86 14.61
C GLY B 239 -0.08 16.19 15.22
N MET B 240 -0.43 17.19 14.38
CA MET B 240 -0.96 18.45 14.89
C MET B 240 -2.34 18.24 15.51
N PHE B 241 -3.22 17.48 14.84
CA PHE B 241 -4.62 17.39 15.29
C PHE B 241 -4.82 16.59 16.59
N ALA B 242 -4.02 15.54 16.83
CA ALA B 242 -4.40 14.49 17.79
C ALA B 242 -4.77 15.06 19.17
N ASP B 243 -3.91 15.92 19.70
CA ASP B 243 -4.10 16.40 21.06
C ASP B 243 -5.29 17.34 21.17
N PHE B 244 -5.81 17.84 20.06
CA PHE B 244 -6.94 18.76 20.05
C PHE B 244 -8.26 18.05 19.70
N ILE B 245 -8.23 16.76 19.33
CA ILE B 245 -9.47 16.12 18.91
C ILE B 245 -10.57 16.29 19.97
N ASN B 246 -10.20 16.16 21.25
CA ASN B 246 -11.21 16.20 22.31
C ASN B 246 -11.54 17.64 22.73
N ASP B 247 -10.85 18.61 22.13
CA ASP B 247 -11.14 20.02 22.36
C ASP B 247 -12.11 20.49 21.29
N THR B 248 -13.41 20.34 21.59
CA THR B 248 -14.41 20.38 20.51
C THR B 248 -14.48 21.76 19.83
N SER B 249 -14.04 22.83 20.51
CA SER B 249 -14.08 24.18 19.95
C SER B 249 -12.96 24.42 18.94
N VAL B 250 -11.98 23.52 18.86
CA VAL B 250 -10.82 23.80 18.01
C VAL B 250 -11.07 23.18 16.64
N GLY B 251 -11.03 24.02 15.61
CA GLY B 251 -11.22 23.53 14.26
C GLY B 251 -9.99 22.75 13.83
N LEU B 252 -10.20 21.68 13.06
CA LEU B 252 -9.10 20.89 12.53
C LEU B 252 -9.28 20.94 11.02
N ILE B 253 -8.34 21.62 10.33
CA ILE B 253 -8.50 21.83 8.91
C ILE B 253 -7.32 21.18 8.19
N GLY B 254 -7.64 20.19 7.33
CA GLY B 254 -6.64 19.54 6.50
C GLY B 254 -6.72 20.07 5.08
N VAL B 255 -5.53 20.32 4.52
CA VAL B 255 -5.46 20.90 3.18
C VAL B 255 -4.82 19.92 2.21
N GLU B 256 -5.64 19.42 1.26
CA GLU B 256 -5.13 18.54 0.21
C GLU B 256 -4.67 19.41 -0.95
N PRO B 257 -3.74 18.90 -1.78
CA PRO B 257 -3.34 19.63 -2.99
C PRO B 257 -4.42 19.60 -4.07
N GLY B 258 -4.73 20.80 -4.58
CA GLY B 258 -5.69 20.91 -5.67
C GLY B 258 -4.99 20.93 -7.03
N GLY B 259 -3.65 20.92 -7.01
CA GLY B 259 -2.95 20.76 -8.29
C GLY B 259 -3.30 21.90 -9.26
N HIS B 260 -3.61 21.54 -10.52
CA HIS B 260 -4.01 22.57 -11.46
C HIS B 260 -5.46 23.01 -11.29
N GLY B 261 -6.16 22.45 -10.30
CA GLY B 261 -7.57 22.69 -10.12
C GLY B 261 -8.35 21.38 -10.04
N ILE B 262 -9.25 21.28 -9.04
CA ILE B 262 -10.00 20.05 -8.84
C ILE B 262 -10.71 19.65 -10.15
N GLU B 263 -11.31 20.64 -10.82
CA GLU B 263 -12.09 20.39 -12.03
C GLU B 263 -11.22 19.85 -13.18
N THR B 264 -9.88 20.03 -13.13
CA THR B 264 -9.02 19.53 -14.21
C THR B 264 -8.78 18.03 -14.05
N GLY B 265 -9.04 17.50 -12.86
CA GLY B 265 -8.69 16.12 -12.52
C GLY B 265 -7.23 15.97 -12.13
N GLU B 266 -6.41 17.01 -12.34
CA GLU B 266 -4.99 16.94 -12.02
C GLU B 266 -4.76 17.52 -10.64
N HIS B 267 -4.96 16.65 -9.66
CA HIS B 267 -4.89 17.08 -8.26
C HIS B 267 -4.44 15.90 -7.43
N GLY B 268 -4.43 16.12 -6.11
CA GLY B 268 -4.07 15.07 -5.18
C GLY B 268 -5.00 15.02 -3.98
N ALA B 269 -6.29 15.29 -4.22
CA ALA B 269 -7.27 15.48 -3.14
C ALA B 269 -8.26 14.31 -3.10
N PRO B 270 -7.79 13.07 -2.78
CA PRO B 270 -8.66 11.91 -2.71
C PRO B 270 -9.70 11.98 -1.62
N LEU B 271 -9.39 12.63 -0.47
CA LEU B 271 -10.34 12.56 0.62
C LEU B 271 -11.65 13.20 0.20
N LYS B 272 -11.59 14.37 -0.48
CA LYS B 272 -12.80 15.06 -0.89
C LYS B 272 -13.20 14.79 -2.34
N HIS B 273 -12.29 14.30 -3.18
CA HIS B 273 -12.60 14.21 -4.59
C HIS B 273 -12.20 12.86 -5.20
N GLY B 274 -11.80 11.92 -4.36
CA GLY B 274 -11.51 10.57 -4.85
C GLY B 274 -12.69 9.64 -4.61
N ARG B 275 -12.39 8.35 -4.49
CA ARG B 275 -13.38 7.31 -4.27
C ARG B 275 -12.77 6.29 -3.32
N VAL B 276 -13.53 5.85 -2.31
CA VAL B 276 -13.01 4.83 -1.40
C VAL B 276 -12.64 3.57 -2.18
N GLY B 277 -11.45 3.07 -1.86
CA GLY B 277 -10.99 1.80 -2.40
C GLY B 277 -10.17 1.04 -1.36
N ILE B 278 -9.57 -0.06 -1.81
CA ILE B 278 -8.71 -0.86 -0.94
C ILE B 278 -7.35 -1.02 -1.59
N TYR B 279 -6.34 -0.45 -0.96
CA TYR B 279 -4.99 -0.46 -1.54
C TYR B 279 -4.02 -0.07 -0.43
N PHE B 280 -2.79 -0.55 -0.57
CA PHE B 280 -1.73 -0.30 0.40
C PHE B 280 -2.19 -0.70 1.79
N GLY B 281 -2.94 -1.79 1.90
CA GLY B 281 -3.20 -2.37 3.22
C GLY B 281 -4.39 -1.72 3.92
N MET B 282 -5.12 -0.82 3.24
CA MET B 282 -6.18 -0.10 3.93
C MET B 282 -7.37 0.20 3.02
N LYS B 283 -8.53 0.39 3.65
CA LYS B 283 -9.71 0.91 2.99
C LYS B 283 -9.77 2.42 3.24
N ALA B 284 -9.66 3.21 2.18
CA ALA B 284 -9.56 4.66 2.31
C ALA B 284 -9.91 5.32 0.98
N PRO B 285 -10.22 6.63 0.97
CA PRO B 285 -10.35 7.37 -0.29
C PRO B 285 -9.05 7.29 -1.10
N MET B 286 -9.22 7.03 -2.42
N MET B 286 -9.19 7.11 -2.41
CA MET B 286 -8.14 6.78 -3.38
CA MET B 286 -7.96 7.14 -3.16
C MET B 286 -8.25 7.67 -4.60
C MET B 286 -8.22 7.58 -4.59
N MET B 287 -7.10 7.94 -5.24
CA MET B 287 -7.07 8.34 -6.64
C MET B 287 -7.06 7.06 -7.44
N GLN B 288 -8.11 6.85 -8.24
CA GLN B 288 -8.23 5.63 -9.03
C GLN B 288 -9.06 5.85 -10.31
N THR B 289 -8.81 5.00 -11.30
CA THR B 289 -9.61 5.03 -12.51
C THR B 289 -11.02 4.52 -12.20
N ALA B 290 -11.96 4.70 -13.13
CA ALA B 290 -13.33 4.24 -12.95
C ALA B 290 -13.39 2.72 -12.73
N ASP B 291 -12.45 1.97 -13.33
CA ASP B 291 -12.47 0.51 -13.20
C ASP B 291 -11.52 -0.01 -12.11
N GLY B 292 -10.95 0.91 -11.30
CA GLY B 292 -10.30 0.48 -10.06
C GLY B 292 -8.78 0.33 -10.13
N GLN B 293 -8.13 0.89 -11.19
CA GLN B 293 -6.68 0.94 -11.17
C GLN B 293 -6.22 2.16 -10.37
N ILE B 294 -5.12 2.02 -9.63
CA ILE B 294 -4.65 3.13 -8.80
C ILE B 294 -3.96 4.16 -9.68
N GLU B 295 -4.32 5.42 -9.42
CA GLU B 295 -3.84 6.60 -10.19
C GLU B 295 -2.81 7.41 -9.41
N GLU B 296 -2.29 8.47 -10.02
N GLU B 296 -2.30 8.47 -10.02
CA GLU B 296 -1.27 9.29 -9.33
CA GLU B 296 -1.30 9.27 -9.28
C GLU B 296 -1.90 10.58 -8.76
C GLU B 296 -1.90 10.58 -8.77
N SER B 297 -1.31 11.06 -7.67
CA SER B 297 -1.74 12.33 -7.08
C SER B 297 -0.82 13.38 -7.74
N TYR B 298 -1.39 14.40 -8.38
CA TYR B 298 -0.59 15.48 -8.94
C TYR B 298 -0.61 16.68 -7.98
N SER B 299 0.57 17.24 -7.73
CA SER B 299 0.76 18.53 -7.08
C SER B 299 2.08 19.13 -7.52
N ILE B 300 2.17 20.47 -7.54
CA ILE B 300 3.46 21.11 -7.68
C ILE B 300 4.44 20.58 -6.63
N SER B 301 3.92 20.24 -5.44
N SER B 301 3.89 20.24 -5.46
CA SER B 301 4.75 19.76 -4.35
CA SER B 301 4.69 19.72 -4.36
C SER B 301 4.79 18.24 -4.36
C SER B 301 4.76 18.20 -4.43
N ALA B 302 5.95 17.69 -4.70
CA ALA B 302 6.13 16.24 -4.85
C ALA B 302 5.82 15.49 -3.56
N GLY B 303 5.94 16.18 -2.42
CA GLY B 303 5.70 15.53 -1.13
C GLY B 303 4.22 15.29 -0.83
N LEU B 304 3.33 15.87 -1.64
CA LEU B 304 1.90 15.68 -1.44
C LEU B 304 1.30 14.68 -2.44
N ASP B 305 2.14 13.81 -3.04
CA ASP B 305 1.79 12.86 -4.11
C ASP B 305 1.39 11.45 -3.62
N PHE B 306 1.25 11.20 -2.30
CA PHE B 306 0.69 9.91 -1.91
C PHE B 306 -0.75 9.79 -2.43
N PRO B 307 -1.14 8.78 -3.25
CA PRO B 307 -2.43 8.82 -3.94
C PRO B 307 -3.65 8.39 -3.10
N SER B 308 -3.47 8.39 -1.79
CA SER B 308 -4.59 8.09 -0.92
C SER B 308 -4.40 9.00 0.29
N VAL B 309 -5.02 8.62 1.40
CA VAL B 309 -4.96 9.45 2.60
C VAL B 309 -5.19 8.51 3.79
N GLY B 310 -4.65 8.89 4.94
CA GLY B 310 -4.77 8.05 6.14
C GLY B 310 -6.22 7.88 6.55
N PRO B 311 -6.57 6.69 7.09
CA PRO B 311 -7.95 6.34 7.38
C PRO B 311 -8.52 7.19 8.53
N GLN B 312 -7.66 7.64 9.45
CA GLN B 312 -8.19 8.46 10.53
C GLN B 312 -8.71 9.79 9.99
N HIS B 313 -8.07 10.33 8.93
CA HIS B 313 -8.58 11.58 8.35
C HIS B 313 -9.94 11.34 7.70
N ALA B 314 -10.06 10.23 6.94
CA ALA B 314 -11.33 9.95 6.30
C ALA B 314 -12.44 9.81 7.36
N TYR B 315 -12.10 9.22 8.53
CA TYR B 315 -13.05 9.04 9.62
C TYR B 315 -13.40 10.40 10.27
N LEU B 316 -12.38 11.21 10.56
CA LEU B 316 -12.65 12.50 11.20
C LEU B 316 -13.51 13.37 10.26
N ASN B 317 -13.28 13.27 8.94
CA ASN B 317 -14.13 14.00 8.04
C ASN B 317 -15.57 13.48 8.11
N SER B 318 -15.75 12.14 8.07
CA SER B 318 -17.07 11.54 7.98
C SER B 318 -17.98 11.96 9.13
N ILE B 319 -17.39 12.12 10.34
CA ILE B 319 -18.18 12.50 11.50
C ILE B 319 -18.24 14.02 11.68
N GLY B 320 -17.54 14.76 10.82
CA GLY B 320 -17.56 16.21 10.87
C GLY B 320 -16.69 16.82 11.97
N ARG B 321 -15.77 16.03 12.53
CA ARG B 321 -14.80 16.57 13.49
C ARG B 321 -13.76 17.44 12.78
N ALA B 322 -13.26 16.96 11.63
CA ALA B 322 -12.29 17.72 10.87
C ALA B 322 -12.88 18.09 9.51
N ASP B 323 -12.40 19.21 8.97
CA ASP B 323 -12.83 19.70 7.66
C ASP B 323 -11.64 19.67 6.73
N TYR B 324 -11.90 19.26 5.46
CA TYR B 324 -10.81 19.15 4.49
C TYR B 324 -11.15 20.04 3.30
N VAL B 325 -10.10 20.75 2.85
CA VAL B 325 -10.22 21.73 1.78
C VAL B 325 -9.07 21.44 0.82
N SER B 326 -8.99 22.21 -0.26
CA SER B 326 -7.86 22.10 -1.18
C SER B 326 -7.31 23.47 -1.56
N ILE B 327 -6.05 23.45 -1.98
CA ILE B 327 -5.33 24.65 -2.36
C ILE B 327 -4.59 24.30 -3.66
N THR B 328 -4.68 25.19 -4.63
CA THR B 328 -4.08 24.88 -5.92
C THR B 328 -2.58 25.19 -5.93
N ASP B 329 -1.88 24.72 -6.98
CA ASP B 329 -0.47 25.03 -7.14
C ASP B 329 -0.25 26.54 -7.05
N ASP B 330 -1.08 27.35 -7.76
CA ASP B 330 -0.85 28.79 -7.80
C ASP B 330 -1.05 29.41 -6.42
N GLU B 331 -2.05 28.92 -5.67
CA GLU B 331 -2.27 29.46 -4.33
C GLU B 331 -1.07 29.11 -3.43
N ALA B 332 -0.60 27.86 -3.50
CA ALA B 332 0.56 27.45 -2.70
C ALA B 332 1.79 28.31 -3.02
N LEU B 333 2.03 28.55 -4.33
CA LEU B 333 3.17 29.36 -4.73
C LEU B 333 3.11 30.79 -4.18
N GLU B 334 1.92 31.41 -4.19
N GLU B 334 1.91 31.38 -4.18
CA GLU B 334 1.81 32.75 -3.64
CA GLU B 334 1.73 32.75 -3.67
C GLU B 334 2.11 32.71 -2.14
C GLU B 334 1.96 32.77 -2.15
N ALA B 335 1.60 31.69 -1.46
CA ALA B 335 1.85 31.65 -0.01
C ALA B 335 3.35 31.51 0.28
N PHE B 336 4.04 30.68 -0.52
CA PHE B 336 5.47 30.48 -0.40
C PHE B 336 6.17 31.83 -0.54
N LYS B 337 5.87 32.56 -1.63
CA LYS B 337 6.47 33.87 -1.84
C LYS B 337 6.18 34.83 -0.68
N THR B 338 4.93 34.80 -0.21
CA THR B 338 4.49 35.70 0.86
C THR B 338 5.29 35.47 2.14
N LEU B 339 5.51 34.20 2.50
CA LEU B 339 6.20 33.92 3.76
C LEU B 339 7.68 34.30 3.66
N CYS B 340 8.28 34.06 2.48
CA CYS B 340 9.68 34.43 2.31
C CYS B 340 9.84 35.93 2.49
N ARG B 341 8.97 36.71 1.83
CA ARG B 341 9.14 38.15 1.73
C ARG B 341 8.78 38.86 3.05
N HIS B 342 7.79 38.32 3.76
CA HIS B 342 7.22 39.06 4.89
C HIS B 342 7.63 38.51 6.24
N GLU B 343 8.17 37.28 6.27
CA GLU B 343 8.56 36.70 7.56
C GLU B 343 9.98 36.14 7.51
N GLY B 344 10.61 36.11 6.33
CA GLY B 344 11.96 35.58 6.24
C GLY B 344 12.07 34.07 6.52
N ILE B 345 10.99 33.33 6.24
CA ILE B 345 10.98 31.87 6.39
C ILE B 345 10.63 31.29 5.03
N ILE B 346 11.48 30.37 4.56
CA ILE B 346 11.24 29.68 3.30
C ILE B 346 10.51 28.38 3.61
N PRO B 347 9.19 28.29 3.32
CA PRO B 347 8.41 27.10 3.71
C PRO B 347 8.48 26.03 2.64
N ALA B 348 8.36 24.77 3.04
CA ALA B 348 8.20 23.71 2.04
C ALA B 348 6.95 24.01 1.22
N LEU B 349 6.98 23.65 -0.07
CA LEU B 349 5.77 23.81 -0.86
C LEU B 349 4.61 22.98 -0.32
N GLU B 350 4.87 21.84 0.35
CA GLU B 350 3.83 21.09 1.03
C GLU B 350 3.14 22.01 2.05
N SER B 351 3.94 22.54 2.96
CA SER B 351 3.48 23.39 4.06
C SER B 351 2.77 24.63 3.52
N SER B 352 3.25 25.13 2.36
CA SER B 352 2.69 26.31 1.74
C SER B 352 1.22 26.14 1.39
N HIS B 353 0.75 24.89 1.20
CA HIS B 353 -0.67 24.63 1.02
C HIS B 353 -1.47 24.98 2.30
N ALA B 354 -0.92 24.59 3.46
CA ALA B 354 -1.60 24.95 4.70
C ALA B 354 -1.61 26.45 4.91
N LEU B 355 -0.45 27.09 4.69
CA LEU B 355 -0.36 28.52 4.88
C LEU B 355 -1.33 29.25 3.93
N ALA B 356 -1.37 28.81 2.66
CA ALA B 356 -2.29 29.43 1.71
C ALA B 356 -3.74 29.39 2.18
N HIS B 357 -4.17 28.28 2.81
CA HIS B 357 -5.54 28.21 3.27
C HIS B 357 -5.75 29.18 4.44
N ALA B 358 -4.75 29.26 5.34
CA ALA B 358 -4.89 30.22 6.45
C ALA B 358 -4.97 31.65 5.93
N LEU B 359 -4.16 31.96 4.89
CA LEU B 359 -4.19 33.31 4.33
C LEU B 359 -5.55 33.62 3.70
N LYS B 360 -6.19 32.62 3.06
N LYS B 360 -6.16 32.61 3.07
CA LYS B 360 -7.54 32.79 2.55
CA LYS B 360 -7.50 32.74 2.53
C LYS B 360 -8.52 33.04 3.68
C LYS B 360 -8.52 32.98 3.65
N MET B 361 -8.42 32.24 4.76
CA MET B 361 -9.32 32.44 5.88
C MET B 361 -9.26 33.89 6.38
N MET B 362 -8.04 34.43 6.43
CA MET B 362 -7.83 35.80 6.84
C MET B 362 -8.38 36.79 5.80
N ARG B 363 -7.98 36.61 4.54
CA ARG B 363 -8.28 37.62 3.54
C ARG B 363 -9.78 37.67 3.24
N GLU B 364 -10.45 36.51 3.25
CA GLU B 364 -11.85 36.45 2.90
C GLU B 364 -12.69 37.22 3.92
N GLN B 365 -12.26 37.20 5.18
CA GLN B 365 -13.05 37.75 6.28
C GLN B 365 -12.09 38.49 7.22
N PRO B 366 -11.53 39.64 6.78
CA PRO B 366 -10.42 40.27 7.50
C PRO B 366 -10.78 40.87 8.85
N GLU B 367 -12.08 41.04 9.11
N GLU B 367 -12.08 41.06 9.12
CA GLU B 367 -12.54 41.58 10.37
CA GLU B 367 -12.52 41.58 10.40
C GLU B 367 -12.92 40.47 11.34
C GLU B 367 -13.08 40.47 11.28
N LYS B 368 -12.90 39.21 10.86
CA LYS B 368 -13.21 38.08 11.75
C LYS B 368 -12.06 37.89 12.74
N GLU B 369 -12.37 37.87 14.06
CA GLU B 369 -11.35 37.57 15.05
C GLU B 369 -11.08 36.06 15.00
N GLN B 370 -9.83 35.70 14.72
CA GLN B 370 -9.47 34.28 14.68
C GLN B 370 -8.01 34.09 15.06
N LEU B 371 -7.78 33.08 15.90
CA LEU B 371 -6.46 32.66 16.33
C LEU B 371 -6.16 31.33 15.65
N LEU B 372 -5.22 31.37 14.72
CA LEU B 372 -4.93 30.22 13.85
C LEU B 372 -3.51 29.73 14.10
N VAL B 373 -3.31 28.41 14.00
CA VAL B 373 -1.97 27.84 13.91
C VAL B 373 -1.87 27.04 12.63
N VAL B 374 -0.82 27.33 11.83
CA VAL B 374 -0.48 26.51 10.68
C VAL B 374 0.71 25.63 11.07
N ASN B 375 0.58 24.33 10.78
CA ASN B 375 1.71 23.42 10.95
C ASN B 375 2.70 23.63 9.83
N LEU B 376 3.83 24.25 10.13
CA LEU B 376 4.82 24.46 9.06
C LEU B 376 5.68 23.21 9.00
N SER B 377 5.18 22.24 8.20
CA SER B 377 5.68 20.88 8.26
C SER B 377 7.14 20.74 7.81
N GLY B 378 7.63 21.68 6.98
CA GLY B 378 9.03 21.61 6.59
C GLY B 378 9.55 22.92 6.00
N ARG B 379 10.87 22.96 5.77
CA ARG B 379 11.48 24.11 5.13
C ARG B 379 11.56 23.88 3.61
N GLY B 380 11.70 25.01 2.91
CA GLY B 380 11.55 24.96 1.45
C GLY B 380 12.82 25.21 0.66
N ASP B 381 14.00 25.05 1.28
CA ASP B 381 15.26 25.10 0.52
C ASP B 381 15.19 24.17 -0.70
N LYS B 382 14.60 22.99 -0.50
CA LYS B 382 14.49 21.96 -1.54
C LYS B 382 13.63 22.44 -2.72
N ASP B 383 12.81 23.48 -2.48
CA ASP B 383 11.85 23.88 -3.49
C ASP B 383 12.29 25.09 -4.32
N ILE B 384 13.46 25.66 -4.02
CA ILE B 384 13.79 26.95 -4.62
C ILE B 384 14.01 26.82 -6.14
N PHE B 385 14.55 25.69 -6.60
CA PHE B 385 14.74 25.47 -8.03
C PHE B 385 13.37 25.35 -8.72
N THR B 386 12.46 24.60 -8.10
CA THR B 386 11.10 24.45 -8.62
C THR B 386 10.42 25.80 -8.77
N VAL B 387 10.53 26.62 -7.73
CA VAL B 387 9.90 27.91 -7.72
C VAL B 387 10.60 28.83 -8.72
N HIS B 388 11.94 28.80 -8.76
CA HIS B 388 12.69 29.65 -9.68
C HIS B 388 12.18 29.39 -11.10
N ASP B 389 11.96 28.11 -11.40
CA ASP B 389 11.68 27.68 -12.77
C ASP B 389 10.28 28.13 -13.18
N ILE B 390 9.35 28.17 -12.22
CA ILE B 390 7.98 28.56 -12.48
C ILE B 390 7.91 30.07 -12.71
N LEU B 391 8.55 30.83 -11.81
CA LEU B 391 8.52 32.27 -11.88
C LEU B 391 9.12 32.75 -13.21
N LYS B 392 10.19 32.08 -13.66
CA LYS B 392 10.90 32.43 -14.88
C LYS B 392 10.05 32.07 -16.10
N ALA B 393 9.34 30.94 -16.04
CA ALA B 393 8.54 30.49 -17.17
C ALA B 393 7.29 31.36 -17.34
N ARG B 394 6.79 31.96 -16.25
CA ARG B 394 5.62 32.82 -16.34
C ARG B 394 6.06 34.27 -16.54
N GLY B 395 7.38 34.50 -16.51
CA GLY B 395 7.96 35.81 -16.74
C GLY B 395 7.76 36.76 -15.58
N GLU B 396 8.17 36.35 -14.38
CA GLU B 396 8.21 37.22 -13.22
C GLU B 396 9.65 37.70 -13.00
C1 F9F C . -0.82 -15.03 -4.33
C2 F9F C . -0.38 -14.57 -5.54
C3 F9F C . -0.54 -15.34 -6.67
C4 F9F C . -1.18 -16.57 -6.57
C5 F9F C . -1.64 -17.03 -5.34
C6 F9F C . -1.47 -16.25 -4.22
O7 F9F C . -0.62 -14.18 -3.21
C8 F9F C . -1.09 -14.49 -2.00
F9F F9F C . -0.75 -13.49 -1.21
F10 F9F C . -2.42 -14.57 -1.98
F11 F9F C . -0.59 -15.62 -1.48
S12 F9F C . -1.38 -17.56 -8.01
N13 F9F C . 0.04 -17.51 -8.77
C14 F9F C . 1.14 -18.14 -8.02
C15 F9F C . 2.29 -18.38 -8.90
O16 F9F C . 3.47 -18.66 -8.07
P17 F9F C . 4.82 -18.78 -8.88
O18 F9F C . 5.93 -18.68 -7.86
O19 F9F C . 4.77 -17.60 -9.87
O20 F9F C . 4.71 -20.15 -9.57
O21 F9F C . -2.38 -16.98 -8.86
O22 F9F C . -1.55 -18.91 -7.57
C1 EDO D . -13.02 -14.09 11.03
O1 EDO D . -14.31 -13.51 10.99
C2 EDO D . -12.35 -13.90 9.74
O2 EDO D . -13.10 -13.07 8.86
C1 EDO E . 13.13 -12.66 -32.43
O1 EDO E . 12.74 -12.70 -33.78
C2 EDO E . 13.50 -11.29 -32.00
O2 EDO E . 12.52 -10.30 -32.27
C1 EDO F . -17.53 -24.64 -4.38
O1 EDO F . -16.32 -25.13 -4.89
C2 EDO F . -18.38 -23.78 -5.23
O2 EDO F . -19.70 -24.29 -5.42
CL CL G . -13.10 -28.85 -19.68
CL CL H . -16.23 -26.12 -7.22
CL CL I . -15.94 -6.06 -12.28
CS CS J . 4.50 -39.12 -9.71
CS CS K . -14.31 -26.69 3.84
CS CS L . -17.54 0.26 -3.69
CS CS L . -15.56 1.39 -4.24
N1 PLP M . 5.13 18.33 4.50
C2 PLP M . 6.42 18.00 4.51
C2A PLP M . 7.44 19.07 4.71
C3 PLP M . 6.81 16.68 4.22
O3 PLP M . 8.14 16.40 4.24
C4 PLP M . 5.82 15.71 3.92
C4A PLP M . 6.25 14.33 3.72
C5 PLP M . 4.47 16.11 3.92
C6 PLP M . 4.19 17.41 4.24
C5A PLP M . 3.32 15.21 3.56
O4P PLP M . 3.31 13.95 4.27
P PLP M . 2.25 13.86 5.48
O1P PLP M . 0.89 14.18 4.97
O2P PLP M . 2.64 14.81 6.57
O3P PLP M . 2.38 12.42 5.90
CS CS N . -3.24 41.02 13.26
CS CS O . -4.25 13.54 0.34
CS CS O . -2.92 12.59 -0.72
CS CS O . -2.64 13.65 -1.33
C1 EDO P . 0.75 38.96 3.70
O1 EDO P . -0.59 38.46 3.63
C2 EDO P . 1.26 39.85 2.63
O2 EDO P . 1.42 41.18 3.06
S DMS Q . -17.06 12.08 0.45
O DMS Q . -18.15 11.50 1.37
C1 DMS Q . -17.86 13.38 -0.45
C2 DMS Q . -16.06 13.09 1.53
S DMS R . 4.16 4.98 30.00
O DMS R . 3.56 4.45 31.28
C1 DMS R . 3.54 6.62 29.80
C2 DMS R . 5.84 5.39 30.37
S DMS S . 8.56 11.18 23.57
O DMS S . 7.37 11.32 22.64
C1 DMS S . 7.93 10.45 25.04
C2 DMS S . 8.80 12.83 24.19
CL CL T . -15.25 -2.97 10.13
CL CL U . -9.45 -4.20 19.72
CL CL V . 18.41 28.87 -8.11
CL CL W . 2.17 33.41 30.24
CL CL X . -13.64 27.07 15.92
CS CS Y . 14.65 24.12 20.70
#